data_3N89
#
_entry.id   3N89
#
_cell.length_a   159.504
_cell.length_b   102.241
_cell.length_c   83.608
_cell.angle_alpha   90.00
_cell.angle_beta   119.32
_cell.angle_gamma   90.00
#
_symmetry.space_group_name_H-M   'C 1 2 1'
#
loop_
_entity.id
_entity.type
_entity.pdbx_description
1 polymer 'Defective in germ line development protein 3, isoform a'
2 water water
#
_entity_poly.entity_id   1
_entity_poly.type   'polypeptide(L)'
_entity_poly.pdbx_seq_one_letter_code
;GAMAHIHQLKAQGLPLPSNIPMIEINPTRVTLNMEFESQYYSLMTSDNGDHENVASIMAETNTLIQLPDRSVGGTTPDPF
AQQVTITGYFGDVDRARMLMRRNCHFTVFMALSKMKMPLHELQAHVRQNPIQNVEMSFVDAPEKNGIVTTYLRITAREKN
QHELIEAAKRLNEILFRESPAPENNFTLHFTLSTYYVDQVLGSSSTAQLMPVIERETTTIISYPCYNNRNETRGNIYEIK
VVGNIDNVLKARRYIMDLLPISMCFNIKNTDMAEPSRVSDRNIHMIIDESGIILKMTPSVYEPADLLSGEVPLNCASLRS
KEFNIKKLYTAYQKVLSKKFDFIAPQPNDYDNSIWHHSLPANFLKNFNMPCRGELS
;
_entity_poly.pdbx_strand_id   A,B
#
# COMPACT_ATOMS: atom_id res chain seq x y z
N HIS A 5 -16.55 35.75 31.64
CA HIS A 5 -17.98 36.06 31.33
C HIS A 5 -18.10 36.44 29.84
N ILE A 6 -18.93 35.70 29.11
CA ILE A 6 -19.11 35.97 27.69
C ILE A 6 -20.58 36.00 27.28
N HIS A 7 -21.22 37.16 27.42
CA HIS A 7 -22.61 37.33 27.06
C HIS A 7 -22.84 36.67 25.70
N GLY A 13 -29.25 32.99 22.02
CA GLY A 13 -29.68 31.61 22.10
C GLY A 13 -29.06 30.86 23.27
N LEU A 14 -29.31 31.37 24.48
CA LEU A 14 -28.78 30.76 25.69
C LEU A 14 -29.73 31.13 26.84
N PRO A 15 -29.89 30.25 27.83
CA PRO A 15 -29.24 28.93 27.97
C PRO A 15 -29.63 27.98 26.86
N LEU A 16 -29.02 26.80 26.87
CA LEU A 16 -29.30 25.77 25.88
C LEU A 16 -30.51 24.96 26.34
N PRO A 17 -31.64 25.07 25.63
CA PRO A 17 -32.85 24.33 25.99
C PRO A 17 -32.75 22.85 25.62
N SER A 18 -33.67 22.05 26.14
CA SER A 18 -33.70 20.62 25.88
C SER A 18 -35.06 20.05 26.27
N ASN A 19 -35.50 19.02 25.56
CA ASN A 19 -36.79 18.40 25.85
C ASN A 19 -36.66 16.90 26.04
N ILE A 20 -35.66 16.30 25.40
CA ILE A 20 -35.43 14.86 25.53
C ILE A 20 -35.25 14.57 27.02
N PRO A 21 -36.01 13.60 27.54
CA PRO A 21 -35.95 13.21 28.97
C PRO A 21 -34.55 12.86 29.45
N MET A 22 -33.94 13.77 30.21
CA MET A 22 -32.62 13.51 30.74
C MET A 22 -32.75 12.42 31.79
N ILE A 23 -32.11 11.29 31.54
CA ILE A 23 -32.17 10.20 32.49
C ILE A 23 -31.40 10.64 33.73
N GLU A 24 -30.18 11.11 33.54
CA GLU A 24 -29.38 11.56 34.68
C GLU A 24 -28.41 12.67 34.33
N ILE A 25 -28.04 13.44 35.35
CA ILE A 25 -27.08 14.53 35.21
C ILE A 25 -26.05 14.21 36.30
N ASN A 26 -25.17 13.27 36.00
CA ASN A 26 -24.14 12.79 36.92
C ASN A 26 -22.74 13.30 36.52
N PRO A 27 -22.15 14.18 37.34
CA PRO A 27 -20.83 14.76 37.09
C PRO A 27 -19.71 13.72 36.88
N THR A 28 -19.86 12.54 37.48
CA THR A 28 -18.85 11.49 37.36
C THR A 28 -18.92 10.80 36.01
N ARG A 29 -19.90 11.21 35.20
CA ARG A 29 -20.09 10.65 33.87
C ARG A 29 -19.54 11.70 32.92
N VAL A 30 -18.36 11.46 32.38
CA VAL A 30 -17.74 12.45 31.50
C VAL A 30 -17.13 11.86 30.24
N THR A 31 -16.86 12.74 29.28
CA THR A 31 -16.22 12.35 28.02
C THR A 31 -14.85 13.03 27.96
N LEU A 32 -13.81 12.27 27.61
CA LEU A 32 -12.48 12.83 27.47
C LEU A 32 -12.18 12.96 25.97
N ASN A 33 -11.49 14.04 25.59
CA ASN A 33 -11.16 14.28 24.19
C ASN A 33 -9.66 14.36 24.00
N MET A 34 -9.16 13.62 23.02
CA MET A 34 -7.74 13.61 22.75
C MET A 34 -7.51 13.55 21.25
N GLU A 35 -6.30 13.88 20.83
CA GLU A 35 -5.94 13.85 19.42
C GLU A 35 -5.10 12.63 19.12
N PHE A 36 -5.50 11.88 18.09
CA PHE A 36 -4.80 10.67 17.66
C PHE A 36 -4.60 10.74 16.14
N GLU A 37 -3.41 10.36 15.68
CA GLU A 37 -3.07 10.40 14.25
C GLU A 37 -3.85 9.39 13.40
N SER A 38 -4.71 9.92 12.53
CA SER A 38 -5.56 9.10 11.65
C SER A 38 -4.88 7.98 10.87
N GLN A 39 -3.60 8.15 10.58
CA GLN A 39 -2.84 7.15 9.82
C GLN A 39 -2.72 5.83 10.59
N TYR A 40 -3.13 5.85 11.85
CA TYR A 40 -3.06 4.67 12.70
C TYR A 40 -4.46 4.18 13.10
N TYR A 41 -5.50 4.86 12.64
CA TYR A 41 -6.86 4.44 12.99
C TYR A 41 -7.09 2.98 12.69
N SER A 42 -6.73 2.58 11.46
CA SER A 42 -6.91 1.21 11.01
C SER A 42 -6.21 0.20 11.91
N LEU A 43 -4.98 0.53 12.30
CA LEU A 43 -4.16 -0.33 13.16
C LEU A 43 -4.63 -0.39 14.60
N MET A 44 -5.40 0.61 15.02
CA MET A 44 -5.90 0.64 16.38
C MET A 44 -7.15 -0.22 16.43
N THR A 45 -7.74 -0.44 15.25
CA THR A 45 -8.96 -1.23 15.11
C THR A 45 -8.70 -2.73 14.98
N SER A 46 -7.85 -3.10 14.02
CA SER A 46 -7.53 -4.49 13.76
C SER A 46 -7.37 -5.37 15.00
N ASP A 47 -8.03 -6.52 14.98
CA ASP A 47 -7.95 -7.45 16.11
C ASP A 47 -6.68 -8.30 15.95
N ASN A 48 -5.55 -7.75 16.41
CA ASN A 48 -4.28 -8.46 16.34
C ASN A 48 -4.30 -9.69 17.23
N GLY A 49 -5.47 -10.01 17.77
CA GLY A 49 -5.57 -11.18 18.64
C GLY A 49 -4.83 -11.02 19.94
N ASP A 50 -4.19 -9.87 20.12
CA ASP A 50 -3.45 -9.61 21.34
C ASP A 50 -4.30 -8.86 22.35
N HIS A 51 -5.61 -8.80 22.10
CA HIS A 51 -6.54 -8.11 22.99
C HIS A 51 -6.04 -6.71 23.32
N GLU A 52 -5.67 -5.94 22.29
CA GLU A 52 -5.15 -4.60 22.52
C GLU A 52 -5.79 -3.47 21.71
N ASN A 53 -6.62 -3.82 20.74
CA ASN A 53 -7.28 -2.83 19.90
C ASN A 53 -8.32 -2.07 20.69
N VAL A 54 -8.96 -1.09 20.05
CA VAL A 54 -9.96 -0.26 20.71
C VAL A 54 -11.07 -1.08 21.34
N ALA A 55 -11.66 -2.01 20.59
CA ALA A 55 -12.73 -2.83 21.14
C ALA A 55 -12.27 -3.40 22.48
N SER A 56 -11.11 -4.05 22.49
CA SER A 56 -10.57 -4.64 23.70
C SER A 56 -10.57 -3.64 24.86
N ILE A 57 -9.98 -2.47 24.62
CA ILE A 57 -9.90 -1.45 25.65
C ILE A 57 -11.26 -1.05 26.18
N MET A 58 -12.20 -0.82 25.28
CA MET A 58 -13.57 -0.45 25.67
C MET A 58 -14.11 -1.50 26.63
N ALA A 59 -13.95 -2.75 26.24
CA ALA A 59 -14.42 -3.90 27.02
C ALA A 59 -13.81 -3.98 28.40
N GLU A 60 -12.49 -3.75 28.49
CA GLU A 60 -11.77 -3.82 29.76
C GLU A 60 -11.84 -2.52 30.56
N THR A 61 -12.35 -1.47 29.93
CA THR A 61 -12.44 -0.19 30.61
C THR A 61 -13.91 0.23 30.72
N ASN A 62 -14.79 -0.67 30.30
CA ASN A 62 -16.24 -0.43 30.32
C ASN A 62 -16.53 0.99 29.86
N THR A 63 -15.89 1.38 28.77
CA THR A 63 -16.05 2.72 28.23
C THR A 63 -16.48 2.63 26.77
N LEU A 64 -16.67 3.79 26.16
CA LEU A 64 -17.03 3.87 24.76
C LEU A 64 -15.99 4.81 24.15
N ILE A 65 -15.26 4.32 23.16
CA ILE A 65 -14.22 5.11 22.49
C ILE A 65 -14.60 5.27 21.05
N GLN A 66 -14.55 6.48 20.54
CA GLN A 66 -14.93 6.71 19.17
C GLN A 66 -13.85 7.40 18.34
N LEU A 67 -13.59 6.82 17.18
CA LEU A 67 -12.61 7.33 16.24
C LEU A 67 -13.41 8.06 15.18
N PRO A 68 -13.02 9.30 14.85
CA PRO A 68 -13.74 10.08 13.84
C PRO A 68 -13.57 9.58 12.43
N ASP A 69 -14.49 9.99 11.56
CA ASP A 69 -14.49 9.63 10.15
C ASP A 69 -15.25 10.76 9.49
N ARG A 70 -14.74 11.97 9.62
CA ARG A 70 -15.40 13.12 9.05
C ARG A 70 -14.63 13.80 7.95
N SER A 71 -15.29 13.94 6.80
CA SER A 71 -14.72 14.58 5.63
C SER A 71 -15.25 16.01 5.65
N VAL A 72 -14.50 16.91 6.25
CA VAL A 72 -14.90 18.31 6.37
C VAL A 72 -14.09 19.24 5.48
N GLY A 73 -14.77 20.25 4.94
CA GLY A 73 -14.11 21.23 4.10
C GLY A 73 -14.50 22.62 4.58
N GLY A 74 -14.52 23.60 3.67
CA GLY A 74 -14.91 24.94 4.07
C GLY A 74 -13.80 25.97 4.17
N THR A 75 -13.97 26.90 5.10
CA THR A 75 -13.02 27.98 5.32
C THR A 75 -11.96 27.65 6.36
N THR A 76 -12.40 27.16 7.52
CA THR A 76 -11.48 26.83 8.60
C THR A 76 -11.30 25.32 8.72
N PRO A 77 -10.05 24.87 8.91
CA PRO A 77 -9.79 23.43 9.03
C PRO A 77 -10.66 22.81 10.14
N ASP A 78 -11.05 21.56 9.93
CA ASP A 78 -11.87 20.85 10.91
C ASP A 78 -11.10 20.67 12.21
N PRO A 79 -11.60 21.24 13.31
CA PRO A 79 -10.89 21.10 14.58
C PRO A 79 -11.00 19.69 15.18
N PHE A 80 -11.87 18.85 14.60
CA PHE A 80 -12.06 17.49 15.10
C PHE A 80 -11.56 16.41 14.13
N ALA A 81 -10.80 16.82 13.12
CA ALA A 81 -10.28 15.89 12.12
C ALA A 81 -9.68 14.62 12.74
N GLN A 82 -8.99 14.77 13.86
CA GLN A 82 -8.36 13.62 14.50
C GLN A 82 -8.66 13.48 15.98
N GLN A 83 -9.85 13.91 16.39
CA GLN A 83 -10.23 13.85 17.79
C GLN A 83 -11.00 12.61 18.15
N VAL A 84 -10.49 11.90 19.15
CA VAL A 84 -11.11 10.69 19.65
C VAL A 84 -11.70 10.96 21.02
N THR A 85 -12.91 10.47 21.26
CA THR A 85 -13.56 10.68 22.54
C THR A 85 -13.71 9.38 23.33
N ILE A 86 -13.54 9.50 24.63
CA ILE A 86 -13.66 8.36 25.53
C ILE A 86 -14.76 8.79 26.50
N THR A 87 -15.81 7.98 26.61
CA THR A 87 -16.94 8.31 27.47
C THR A 87 -17.25 7.23 28.50
N GLY A 88 -17.49 7.65 29.73
CA GLY A 88 -17.82 6.70 30.77
C GLY A 88 -17.56 7.26 32.15
N TYR A 89 -17.56 6.40 33.17
CA TYR A 89 -17.30 6.85 34.52
C TYR A 89 -15.89 7.43 34.51
N PHE A 90 -15.73 8.58 35.14
CA PHE A 90 -14.43 9.24 35.20
C PHE A 90 -13.26 8.31 35.54
N GLY A 91 -13.46 7.42 36.51
CA GLY A 91 -12.38 6.52 36.89
C GLY A 91 -11.91 5.60 35.78
N ASP A 92 -12.84 5.14 34.95
CA ASP A 92 -12.49 4.25 33.86
C ASP A 92 -11.92 5.00 32.66
N VAL A 93 -12.46 6.20 32.41
CA VAL A 93 -12.01 7.01 31.30
C VAL A 93 -10.51 7.28 31.37
N ASP A 94 -10.03 7.56 32.58
CA ASP A 94 -8.61 7.85 32.77
C ASP A 94 -7.77 6.63 32.48
N ARG A 95 -8.28 5.46 32.85
CA ARG A 95 -7.55 4.22 32.63
C ARG A 95 -7.51 3.88 31.15
N ALA A 96 -8.52 4.33 30.42
CA ALA A 96 -8.60 4.08 28.98
C ALA A 96 -7.72 5.10 28.27
N ARG A 97 -7.45 6.21 28.93
CA ARG A 97 -6.59 7.24 28.36
C ARG A 97 -5.22 6.60 28.20
N MET A 98 -4.70 6.09 29.31
CA MET A 98 -3.41 5.43 29.38
C MET A 98 -3.29 4.25 28.42
N LEU A 99 -4.29 3.37 28.43
CA LEU A 99 -4.27 2.19 27.57
C LEU A 99 -4.35 2.51 26.07
N MET A 100 -4.86 3.68 25.72
CA MET A 100 -4.97 4.04 24.31
C MET A 100 -3.64 4.63 23.81
N ARG A 101 -2.83 5.17 24.72
CA ARG A 101 -1.53 5.72 24.33
C ARG A 101 -0.50 4.61 24.23
N ARG A 102 -0.47 3.74 25.25
CA ARG A 102 0.48 2.64 25.31
C ARG A 102 0.28 1.68 24.15
N ASN A 103 -0.97 1.42 23.82
CA ASN A 103 -1.29 0.48 22.76
C ASN A 103 -1.28 1.08 21.36
N CYS A 104 -1.28 2.40 21.27
CA CYS A 104 -1.28 3.02 19.95
C CYS A 104 0.02 2.79 19.20
N HIS A 105 -0.10 2.54 17.89
CA HIS A 105 1.07 2.32 17.04
C HIS A 105 1.71 3.65 16.68
N PHE A 106 2.88 3.56 16.07
CA PHE A 106 3.65 4.70 15.59
C PHE A 106 4.58 4.13 14.51
N THR A 107 5.07 4.99 13.61
CA THR A 107 5.95 4.53 12.54
C THR A 107 7.21 5.37 12.40
N VAL A 108 8.31 4.71 12.03
CA VAL A 108 9.60 5.39 11.83
C VAL A 108 10.23 4.82 10.57
N PHE A 109 10.94 5.66 9.82
CA PHE A 109 11.58 5.23 8.58
C PHE A 109 13.10 5.30 8.67
N MET A 110 13.78 4.26 8.20
CA MET A 110 15.24 4.23 8.23
C MET A 110 15.77 4.38 6.80
N ALA A 111 16.82 5.18 6.65
CA ALA A 111 17.44 5.42 5.35
C ALA A 111 18.33 4.22 5.01
N LEU A 112 17.99 3.51 3.93
CA LEU A 112 18.77 2.36 3.52
C LEU A 112 19.96 2.83 2.69
N SER A 113 19.91 4.08 2.24
CA SER A 113 21.01 4.63 1.47
C SER A 113 22.26 4.35 2.28
N LYS A 114 23.36 4.19 1.56
CA LYS A 114 24.67 3.94 2.15
C LYS A 114 24.93 2.55 2.69
N MET A 115 23.87 1.77 2.94
CA MET A 115 24.04 0.43 3.48
C MET A 115 25.02 -0.34 2.62
N LYS A 116 25.80 -1.22 3.24
CA LYS A 116 26.81 -2.00 2.51
C LYS A 116 26.20 -3.11 1.67
N MET A 117 25.57 -4.08 2.33
CA MET A 117 24.94 -5.21 1.66
C MET A 117 23.88 -4.78 0.64
N PRO A 118 23.66 -5.62 -0.39
CA PRO A 118 22.64 -5.28 -1.39
C PRO A 118 21.26 -5.35 -0.77
N LEU A 119 20.35 -4.54 -1.29
CA LEU A 119 18.98 -4.48 -0.80
C LEU A 119 18.30 -5.84 -0.76
N HIS A 120 18.48 -6.63 -1.82
CA HIS A 120 17.86 -7.94 -1.90
C HIS A 120 18.18 -8.85 -0.72
N GLU A 121 19.41 -8.80 -0.24
CA GLU A 121 19.81 -9.64 0.89
C GLU A 121 19.06 -9.15 2.14
N LEU A 122 19.01 -7.84 2.30
CA LEU A 122 18.32 -7.25 3.44
C LEU A 122 16.86 -7.69 3.42
N GLN A 123 16.24 -7.59 2.26
CA GLN A 123 14.83 -8.01 2.12
C GLN A 123 14.68 -9.44 2.61
N ALA A 124 15.57 -10.31 2.16
CA ALA A 124 15.55 -11.71 2.54
C ALA A 124 15.63 -11.86 4.05
N HIS A 125 16.57 -11.14 4.66
CA HIS A 125 16.75 -11.15 6.11
C HIS A 125 15.41 -10.83 6.76
N VAL A 126 14.94 -9.61 6.56
CA VAL A 126 13.67 -9.17 7.14
C VAL A 126 12.54 -10.15 6.88
N ARG A 127 12.47 -10.67 5.66
CA ARG A 127 11.41 -11.61 5.30
C ARG A 127 11.52 -12.94 6.04
N GLN A 128 12.75 -13.35 6.34
CA GLN A 128 12.97 -14.62 7.02
C GLN A 128 13.12 -14.47 8.55
N ASN A 129 12.98 -13.25 9.05
CA ASN A 129 13.08 -13.01 10.49
C ASN A 129 12.01 -11.99 10.90
N PRO A 130 10.78 -12.47 11.14
CA PRO A 130 9.68 -11.58 11.53
C PRO A 130 9.48 -11.50 13.04
N ILE A 131 9.46 -10.28 13.56
CA ILE A 131 9.25 -10.04 14.98
C ILE A 131 7.75 -9.85 15.12
N GLN A 132 7.18 -10.29 16.25
CA GLN A 132 5.75 -10.19 16.48
C GLN A 132 5.24 -8.80 16.86
N ASN A 133 6.15 -7.93 17.29
CA ASN A 133 5.77 -6.58 17.68
C ASN A 133 6.55 -5.51 16.92
N VAL A 134 7.09 -5.85 15.77
CA VAL A 134 7.85 -4.88 15.00
C VAL A 134 7.75 -5.08 13.49
N GLU A 135 6.60 -4.78 12.92
CA GLU A 135 6.41 -4.93 11.49
C GLU A 135 7.45 -4.12 10.72
N MET A 136 8.01 -4.73 9.68
CA MET A 136 8.99 -4.05 8.86
C MET A 136 8.61 -4.21 7.40
N SER A 137 8.68 -3.12 6.65
CA SER A 137 8.34 -3.14 5.24
C SER A 137 9.10 -2.04 4.52
N PHE A 138 9.43 -2.29 3.27
CA PHE A 138 10.17 -1.34 2.45
C PHE A 138 9.25 -0.46 1.63
N VAL A 139 9.67 0.78 1.43
CA VAL A 139 8.91 1.74 0.63
C VAL A 139 9.91 2.66 -0.06
N ASP A 140 9.60 3.05 -1.29
CA ASP A 140 10.49 3.92 -2.05
C ASP A 140 9.91 5.33 -2.15
N ALA A 141 10.64 6.31 -1.67
CA ALA A 141 10.21 7.70 -1.74
C ALA A 141 10.62 8.19 -3.12
N PRO A 142 9.66 8.74 -3.89
CA PRO A 142 9.88 9.26 -5.24
C PRO A 142 11.30 9.14 -5.78
N VAL A 148 14.83 8.68 -6.15
CA VAL A 148 14.07 7.46 -5.93
C VAL A 148 14.81 6.54 -4.97
N THR A 149 14.94 6.97 -3.72
CA THR A 149 15.65 6.20 -2.70
C THR A 149 14.68 5.39 -1.84
N THR A 150 15.11 4.20 -1.41
CA THR A 150 14.29 3.31 -0.60
C THR A 150 14.44 3.53 0.90
N TYR A 151 13.33 3.35 1.61
CA TYR A 151 13.28 3.51 3.06
C TYR A 151 12.67 2.26 3.71
N LEU A 152 13.11 1.98 4.93
CA LEU A 152 12.58 0.85 5.67
C LEU A 152 11.59 1.39 6.68
N ARG A 153 10.37 0.84 6.66
CA ARG A 153 9.33 1.28 7.56
C ARG A 153 9.20 0.32 8.73
N ILE A 154 9.38 0.85 9.95
CA ILE A 154 9.29 0.04 11.14
C ILE A 154 8.10 0.55 11.95
N THR A 155 7.29 -0.37 12.48
CA THR A 155 6.11 0.01 13.23
C THR A 155 5.83 -0.88 14.45
N ALA A 156 5.44 -0.24 15.54
CA ALA A 156 5.13 -0.94 16.77
C ALA A 156 4.23 -0.09 17.63
N ARG A 157 3.71 -0.70 18.69
CA ARG A 157 2.84 -0.01 19.63
C ARG A 157 3.76 0.73 20.57
N GLU A 158 3.24 1.74 21.27
CA GLU A 158 4.04 2.53 22.19
C GLU A 158 4.71 1.67 23.26
N LYS A 159 3.93 0.81 23.92
CA LYS A 159 4.45 -0.04 24.99
C LYS A 159 5.62 -0.95 24.59
N ASN A 160 5.79 -1.18 23.28
CA ASN A 160 6.88 -2.04 22.79
C ASN A 160 8.02 -1.22 22.17
N GLN A 161 8.10 0.05 22.55
CA GLN A 161 9.13 0.95 22.03
C GLN A 161 10.55 0.44 22.26
N HIS A 162 10.73 -0.39 23.28
CA HIS A 162 12.05 -0.94 23.57
C HIS A 162 12.36 -1.99 22.52
N GLU A 163 11.35 -2.79 22.19
CA GLU A 163 11.49 -3.83 21.18
C GLU A 163 11.81 -3.26 19.80
N LEU A 164 11.19 -2.12 19.47
CA LEU A 164 11.42 -1.51 18.16
C LEU A 164 12.82 -0.94 18.03
N ILE A 165 13.23 -0.13 19.00
CA ILE A 165 14.56 0.47 18.96
C ILE A 165 15.64 -0.61 18.77
N GLU A 166 15.60 -1.63 19.61
CA GLU A 166 16.57 -2.72 19.53
C GLU A 166 16.62 -3.30 18.12
N ALA A 167 15.47 -3.73 17.61
CA ALA A 167 15.41 -4.29 16.26
C ALA A 167 16.10 -3.33 15.29
N ALA A 168 15.85 -2.04 15.47
CA ALA A 168 16.46 -1.02 14.62
C ALA A 168 17.98 -1.03 14.79
N LYS A 169 18.45 -0.84 16.03
CA LYS A 169 19.88 -0.83 16.31
C LYS A 169 20.58 -2.13 15.93
N ARG A 170 19.84 -3.23 15.91
CA ARG A 170 20.42 -4.51 15.51
C ARG A 170 20.68 -4.43 14.02
N LEU A 171 19.77 -3.77 13.31
CA LEU A 171 19.89 -3.62 11.86
C LEU A 171 21.04 -2.71 11.46
N ASN A 172 21.26 -1.64 12.21
CA ASN A 172 22.36 -0.76 11.85
C ASN A 172 23.65 -1.57 11.91
N GLU A 173 23.86 -2.23 13.04
CA GLU A 173 25.02 -3.07 13.23
C GLU A 173 25.25 -3.96 12.01
N ILE A 174 24.18 -4.67 11.63
CA ILE A 174 24.21 -5.58 10.49
C ILE A 174 24.37 -4.91 9.12
N LEU A 175 24.06 -3.62 9.04
CA LEU A 175 24.18 -2.92 7.75
C LEU A 175 25.45 -2.10 7.59
N PHE A 176 26.14 -1.84 8.70
CA PHE A 176 27.37 -1.05 8.64
C PHE A 176 28.52 -1.69 9.39
N ARG A 177 28.65 -3.02 9.23
CA ARG A 177 29.68 -3.83 9.86
C ARG A 177 30.81 -3.02 10.50
N PRO A 180 29.89 2.53 11.84
CA PRO A 180 29.78 3.80 11.08
C PRO A 180 28.40 4.03 10.46
N ALA A 181 27.38 4.14 11.29
CA ALA A 181 26.02 4.38 10.81
C ALA A 181 25.74 5.88 10.83
N PRO A 182 25.10 6.41 9.78
CA PRO A 182 24.80 7.84 9.72
C PRO A 182 24.09 8.32 10.99
N GLU A 183 24.03 9.62 11.21
CA GLU A 183 23.41 10.15 12.42
C GLU A 183 22.07 10.85 12.24
N ASN A 184 21.45 10.66 11.08
CA ASN A 184 20.15 11.24 10.78
C ASN A 184 19.48 10.27 9.82
N ASN A 185 19.61 8.99 10.15
CA ASN A 185 19.08 7.89 9.35
C ASN A 185 17.64 7.54 9.70
N PHE A 186 16.98 8.38 10.50
CA PHE A 186 15.60 8.13 10.89
C PHE A 186 14.67 9.33 10.71
N THR A 187 13.47 9.05 10.24
CA THR A 187 12.48 10.11 10.00
C THR A 187 11.10 9.68 10.48
N LEU A 188 10.43 10.58 11.19
CA LEU A 188 9.07 10.31 11.68
C LEU A 188 8.14 11.39 11.17
N HIS A 189 6.96 10.97 10.72
CA HIS A 189 5.97 11.88 10.19
C HIS A 189 4.77 12.03 11.14
N PHE A 190 4.74 13.14 11.87
CA PHE A 190 3.64 13.37 12.79
C PHE A 190 2.54 14.15 12.08
N THR A 191 1.30 13.65 12.15
CA THR A 191 0.16 14.29 11.52
C THR A 191 -0.65 15.04 12.56
N LEU A 192 -0.57 16.35 12.52
CA LEU A 192 -1.30 17.19 13.45
C LEU A 192 -2.51 17.72 12.71
N SER A 193 -3.55 18.08 13.44
CA SER A 193 -4.73 18.67 12.81
C SER A 193 -4.36 20.13 12.58
N THR A 194 -4.32 20.55 11.32
CA THR A 194 -3.97 21.93 11.00
C THR A 194 -4.52 22.94 12.00
N TYR A 195 -5.78 22.78 12.35
CA TYR A 195 -6.44 23.68 13.29
C TYR A 195 -5.54 24.10 14.46
N TYR A 196 -4.86 23.13 15.04
CA TYR A 196 -4.02 23.37 16.21
C TYR A 196 -2.60 23.84 15.94
N VAL A 197 -2.26 24.01 14.67
CA VAL A 197 -0.93 24.47 14.29
C VAL A 197 -0.50 25.68 15.11
N ASP A 198 -1.39 26.66 15.24
CA ASP A 198 -1.04 27.84 16.01
C ASP A 198 -0.75 27.55 17.48
N GLN A 199 -1.49 26.61 18.06
CA GLN A 199 -1.32 26.24 19.46
C GLN A 199 -0.15 25.30 19.76
N VAL A 200 0.25 24.48 18.79
CA VAL A 200 1.34 23.54 18.99
C VAL A 200 2.69 24.08 18.54
N LEU A 201 2.76 24.49 17.28
CA LEU A 201 3.99 25.03 16.71
C LEU A 201 4.28 26.47 17.12
N GLY A 202 3.23 27.27 17.20
CA GLY A 202 3.40 28.67 17.57
C GLY A 202 2.54 29.54 16.65
N SER A 203 2.34 30.79 17.06
CA SER A 203 1.54 31.75 16.30
C SER A 203 2.33 33.04 16.13
N SER A 204 1.81 33.98 15.35
CA SER A 204 2.48 35.25 15.12
C SER A 204 2.77 35.98 16.44
N SER A 205 1.94 35.73 17.44
CA SER A 205 2.08 36.38 18.74
C SER A 205 2.54 35.41 19.83
N THR A 206 3.55 34.61 19.52
CA THR A 206 4.08 33.64 20.48
C THR A 206 5.49 33.25 20.09
N ALA A 207 6.05 32.32 20.83
CA ALA A 207 7.39 31.83 20.56
C ALA A 207 7.22 30.64 19.61
N GLN A 208 8.25 30.34 18.82
CA GLN A 208 8.19 29.18 17.91
C GLN A 208 8.58 27.97 18.77
N LEU A 209 7.60 27.13 19.06
CA LEU A 209 7.79 25.96 19.93
C LEU A 209 8.62 24.77 19.48
N MET A 210 8.76 24.54 18.18
CA MET A 210 9.55 23.40 17.74
C MET A 210 11.04 23.60 17.95
N PRO A 211 11.58 24.78 17.60
CA PRO A 211 13.01 25.04 17.79
C PRO A 211 13.51 24.59 19.17
N VAL A 212 12.66 24.76 20.18
CA VAL A 212 13.00 24.38 21.54
C VAL A 212 13.19 22.87 21.61
N ILE A 213 12.32 22.13 20.93
CA ILE A 213 12.41 20.68 20.93
C ILE A 213 13.71 20.24 20.27
N GLU A 214 14.03 20.82 19.11
CA GLU A 214 15.27 20.49 18.42
C GLU A 214 16.45 20.62 19.39
N ARG A 215 16.57 21.78 20.01
CA ARG A 215 17.65 22.06 20.94
C ARG A 215 17.80 21.04 22.06
N GLU A 216 16.67 20.53 22.55
CA GLU A 216 16.67 19.56 23.64
C GLU A 216 16.80 18.11 23.18
N THR A 217 16.46 17.84 21.93
CA THR A 217 16.49 16.47 21.44
C THR A 217 17.49 16.19 20.31
N THR A 218 18.21 17.21 19.88
CA THR A 218 19.18 17.03 18.81
C THR A 218 18.44 16.36 17.66
N THR A 219 17.53 17.09 17.04
CA THR A 219 16.74 16.56 15.95
C THR A 219 16.46 17.72 15.01
N ILE A 220 16.00 17.42 13.81
CA ILE A 220 15.67 18.47 12.86
C ILE A 220 14.17 18.36 12.62
N ILE A 221 13.48 19.49 12.63
CA ILE A 221 12.04 19.48 12.43
C ILE A 221 11.63 20.52 11.40
N SER A 222 11.10 20.04 10.28
CA SER A 222 10.64 20.92 9.24
C SER A 222 9.16 20.69 9.06
N TYR A 223 8.46 21.72 8.57
CA TYR A 223 7.02 21.66 8.35
C TYR A 223 6.65 22.65 7.25
N PRO A 224 5.49 22.45 6.62
CA PRO A 224 5.06 23.35 5.55
C PRO A 224 4.67 24.72 6.10
N GLY A 234 -6.31 22.89 4.28
CA GLY A 234 -6.19 21.47 4.59
C GLY A 234 -6.48 21.19 6.05
N ASN A 235 -6.87 19.96 6.35
CA ASN A 235 -7.19 19.55 7.72
C ASN A 235 -6.03 18.85 8.42
N ILE A 236 -5.16 18.21 7.64
CA ILE A 236 -4.01 17.49 8.16
C ILE A 236 -2.73 18.27 7.88
N TYR A 237 -1.90 18.45 8.92
CA TYR A 237 -0.64 19.18 8.81
C TYR A 237 0.49 18.21 9.16
N GLU A 238 1.50 18.10 8.31
CA GLU A 238 2.60 17.20 8.58
C GLU A 238 3.87 17.85 9.11
N ILE A 239 4.35 17.33 10.23
CA ILE A 239 5.58 17.80 10.88
C ILE A 239 6.62 16.70 10.67
N LYS A 240 7.73 17.01 10.00
CA LYS A 240 8.75 15.99 9.78
C LYS A 240 9.92 16.09 10.78
N VAL A 241 10.20 14.97 11.45
CA VAL A 241 11.27 14.92 12.43
C VAL A 241 12.42 14.02 11.94
N VAL A 242 13.66 14.46 12.10
CA VAL A 242 14.82 13.66 11.66
C VAL A 242 15.88 13.54 12.76
N GLY A 243 16.62 12.43 12.76
CA GLY A 243 17.66 12.22 13.76
C GLY A 243 17.80 10.75 14.13
N ASN A 244 18.68 10.45 15.08
CA ASN A 244 18.85 9.06 15.50
C ASN A 244 17.53 8.56 16.04
N ILE A 245 17.41 7.24 16.13
CA ILE A 245 16.18 6.64 16.62
C ILE A 245 15.76 7.11 18.01
N ASP A 246 16.68 7.12 18.98
CA ASP A 246 16.33 7.54 20.34
C ASP A 246 15.83 8.98 20.45
N ASN A 247 16.51 9.90 19.76
CA ASN A 247 16.12 11.30 19.79
C ASN A 247 14.75 11.55 19.15
N VAL A 248 14.50 10.93 17.99
CA VAL A 248 13.24 11.10 17.30
C VAL A 248 12.05 10.72 18.17
N LEU A 249 12.09 9.53 18.75
CA LEU A 249 10.99 9.09 19.60
C LEU A 249 10.85 10.00 20.82
N LYS A 250 11.86 10.83 21.05
CA LYS A 250 11.84 11.78 22.17
C LYS A 250 11.17 13.05 21.65
N ALA A 251 11.47 13.40 20.41
CA ALA A 251 10.84 14.57 19.81
C ALA A 251 9.34 14.30 19.77
N ARG A 252 8.99 13.11 19.29
CA ARG A 252 7.58 12.70 19.21
C ARG A 252 6.88 12.97 20.54
N ARG A 253 7.44 12.43 21.61
CA ARG A 253 6.88 12.58 22.95
C ARG A 253 6.66 14.05 23.35
N TYR A 254 7.63 14.92 23.07
CA TYR A 254 7.48 16.32 23.42
C TYR A 254 6.40 16.99 22.57
N ILE A 255 6.35 16.64 21.29
CA ILE A 255 5.34 17.18 20.40
C ILE A 255 3.98 16.75 20.96
N MET A 256 3.83 15.46 21.24
CA MET A 256 2.57 14.96 21.79
C MET A 256 2.20 15.54 23.16
N ASP A 257 3.19 15.99 23.94
CA ASP A 257 2.87 16.58 25.23
C ASP A 257 2.12 17.90 25.00
N LEU A 258 2.22 18.45 23.79
CA LEU A 258 1.59 19.72 23.46
C LEU A 258 0.15 19.60 22.95
N LEU A 259 -0.23 18.40 22.52
CA LEU A 259 -1.57 18.15 22.01
C LEU A 259 -2.60 18.57 23.04
N PRO A 260 -3.66 19.28 22.60
CA PRO A 260 -4.70 19.74 23.52
C PRO A 260 -5.53 18.57 24.04
N ILE A 261 -6.17 18.77 25.20
CA ILE A 261 -6.98 17.74 25.82
C ILE A 261 -8.12 18.45 26.54
N SER A 262 -9.27 17.78 26.66
CA SER A 262 -10.40 18.39 27.35
C SER A 262 -11.36 17.34 27.83
N MET A 263 -12.10 17.66 28.89
CA MET A 263 -13.07 16.73 29.46
C MET A 263 -14.40 17.42 29.67
N CYS A 264 -15.47 16.85 29.11
CA CYS A 264 -16.79 17.44 29.25
C CYS A 264 -17.69 16.68 30.23
N PHE A 265 -18.72 17.38 30.71
CA PHE A 265 -19.71 16.82 31.63
C PHE A 265 -20.74 17.87 32.01
N ASN A 266 -21.88 17.39 32.50
CA ASN A 266 -22.96 18.28 32.93
C ASN A 266 -23.04 18.24 34.46
N ILE A 267 -23.58 19.29 35.07
CA ILE A 267 -23.66 19.28 36.52
C ILE A 267 -24.78 20.13 37.10
N LYS A 268 -25.68 19.48 37.85
CA LYS A 268 -26.79 20.18 38.48
C LYS A 268 -26.21 21.23 39.42
N ASN A 269 -26.79 22.44 39.38
CA ASN A 269 -26.33 23.53 40.23
C ASN A 269 -26.17 23.12 41.69
N THR A 270 -27.05 22.24 42.15
CA THR A 270 -27.04 21.78 43.53
C THR A 270 -25.88 20.84 43.81
N ASP A 271 -25.13 20.48 42.77
CA ASP A 271 -24.02 19.55 42.92
C ASP A 271 -22.62 20.13 42.72
N MET A 272 -22.48 21.44 42.84
CA MET A 272 -21.16 22.06 42.66
C MET A 272 -20.50 22.48 43.97
N ALA A 273 -19.17 22.55 43.95
CA ALA A 273 -18.43 22.94 45.14
C ALA A 273 -18.37 24.46 45.28
N ASN A 282 -24.72 33.67 31.67
CA ASN A 282 -23.89 33.82 30.48
C ASN A 282 -22.83 32.72 30.53
N ILE A 283 -22.09 32.55 29.43
CA ILE A 283 -21.05 31.54 29.39
C ILE A 283 -20.06 31.84 30.53
N HIS A 284 -19.62 30.82 31.24
CA HIS A 284 -18.68 31.02 32.34
C HIS A 284 -17.32 30.36 32.13
N MET A 285 -16.27 31.17 32.11
CA MET A 285 -14.92 30.69 31.90
C MET A 285 -13.98 31.10 33.02
N ILE A 286 -13.08 30.21 33.42
CA ILE A 286 -12.13 30.50 34.49
C ILE A 286 -10.77 29.92 34.18
N ILE A 287 -9.72 30.70 34.49
CA ILE A 287 -8.37 30.25 34.26
C ILE A 287 -7.57 30.32 35.55
N ASP A 288 -7.12 29.17 36.05
CA ASP A 288 -6.34 29.13 37.27
C ASP A 288 -4.88 29.36 36.91
N GLU A 289 -4.03 29.48 37.92
CA GLU A 289 -2.61 29.73 37.70
C GLU A 289 -1.86 28.45 37.36
N SER A 290 -2.60 27.43 36.91
CA SER A 290 -2.00 26.15 36.56
C SER A 290 -2.15 25.89 35.06
N GLY A 291 -3.03 26.64 34.41
CA GLY A 291 -3.21 26.47 32.98
C GLY A 291 -4.49 25.77 32.56
N ILE A 292 -5.32 25.37 33.51
CA ILE A 292 -6.56 24.70 33.15
C ILE A 292 -7.67 25.73 32.92
N ILE A 293 -8.51 25.47 31.92
CA ILE A 293 -9.62 26.39 31.62
C ILE A 293 -10.97 25.71 31.84
N LEU A 294 -11.74 26.26 32.77
CA LEU A 294 -13.06 25.75 33.06
C LEU A 294 -14.11 26.61 32.35
N LYS A 295 -14.88 25.99 31.46
CA LYS A 295 -15.91 26.70 30.72
C LYS A 295 -17.27 26.13 31.11
N MET A 296 -18.18 27.02 31.51
CA MET A 296 -19.52 26.59 31.90
C MET A 296 -20.57 27.28 31.05
N THR A 297 -21.37 26.48 30.36
CA THR A 297 -22.42 27.00 29.50
C THR A 297 -23.77 26.67 30.13
N PRO A 298 -24.44 27.69 30.70
CA PRO A 298 -25.74 27.43 31.32
C PRO A 298 -26.74 26.88 30.32
N SER A 299 -27.45 25.82 30.71
CA SER A 299 -28.46 25.21 29.86
C SER A 299 -29.61 24.80 30.77
N VAL A 300 -30.78 24.56 30.18
CA VAL A 300 -31.94 24.18 30.96
C VAL A 300 -32.74 23.02 30.38
N TYR A 301 -33.25 22.17 31.26
CA TYR A 301 -34.07 21.03 30.84
C TYR A 301 -35.53 21.28 31.16
N GLU A 302 -36.30 21.60 30.14
CA GLU A 302 -37.73 21.85 30.34
C GLU A 302 -38.57 20.74 29.72
N PRO A 303 -39.06 19.81 30.56
CA PRO A 303 -39.89 18.68 30.14
C PRO A 303 -41.01 19.07 29.17
N ALA A 304 -41.39 18.14 28.30
CA ALA A 304 -42.44 18.39 27.32
C ALA A 304 -43.74 17.66 27.67
N ASP A 305 -43.61 16.55 28.39
CA ASP A 305 -44.78 15.75 28.78
C ASP A 305 -45.53 16.31 29.97
N LEU A 306 -44.89 17.19 30.73
CA LEU A 306 -45.53 17.74 31.91
C LEU A 306 -45.79 19.25 31.82
N LEU A 307 -44.79 19.96 31.32
CA LEU A 307 -44.86 21.41 31.21
C LEU A 307 -44.89 21.96 32.63
N SER A 308 -43.91 21.50 33.39
CA SER A 308 -43.70 21.89 34.78
C SER A 308 -42.23 21.54 34.97
N GLY A 309 -41.82 21.34 36.22
CA GLY A 309 -40.43 21.00 36.51
C GLY A 309 -39.35 21.53 35.58
N GLU A 310 -38.52 22.43 36.11
CA GLU A 310 -37.41 23.01 35.34
C GLU A 310 -36.12 22.78 36.09
N VAL A 311 -35.28 21.88 35.58
CA VAL A 311 -34.01 21.59 36.23
C VAL A 311 -32.89 22.43 35.62
N PRO A 312 -32.39 23.42 36.38
CA PRO A 312 -31.30 24.29 35.90
C PRO A 312 -29.98 23.56 36.04
N LEU A 313 -29.21 23.49 34.95
CA LEU A 313 -27.92 22.80 34.97
C LEU A 313 -26.84 23.53 34.19
N ASN A 314 -25.58 23.16 34.43
CA ASN A 314 -24.44 23.75 33.75
C ASN A 314 -23.69 22.72 32.89
N CYS A 315 -23.21 23.15 31.72
CA CYS A 315 -22.43 22.29 30.83
C CYS A 315 -20.98 22.70 31.05
N ALA A 316 -20.22 21.87 31.74
CA ALA A 316 -18.83 22.18 32.01
C ALA A 316 -17.89 21.55 30.98
N SER A 317 -16.71 22.13 30.87
CA SER A 317 -15.67 21.66 29.96
C SER A 317 -14.34 22.15 30.51
N LEU A 318 -13.39 21.25 30.67
CA LEU A 318 -12.07 21.60 31.18
C LEU A 318 -11.06 21.37 30.07
N ARG A 319 -10.23 22.37 29.80
CA ARG A 319 -9.21 22.24 28.76
C ARG A 319 -7.81 22.44 29.32
N SER A 320 -6.82 22.12 28.50
CA SER A 320 -5.41 22.25 28.85
C SER A 320 -4.65 21.37 27.88
N LYS A 321 -3.32 21.41 27.93
CA LYS A 321 -2.52 20.56 27.05
C LYS A 321 -2.29 19.22 27.76
N GLU A 322 -2.28 18.13 27.00
CA GLU A 322 -2.12 16.79 27.54
C GLU A 322 -1.15 16.66 28.71
N PHE A 323 0.10 17.02 28.48
CA PHE A 323 1.15 16.91 29.50
C PHE A 323 0.71 17.44 30.86
N ASN A 324 -0.19 18.42 30.83
CA ASN A 324 -0.69 19.05 32.05
C ASN A 324 -1.95 18.39 32.59
N ILE A 325 -2.24 17.18 32.10
CA ILE A 325 -3.43 16.44 32.51
C ILE A 325 -3.52 16.27 34.02
N LYS A 326 -2.38 16.04 34.67
CA LYS A 326 -2.40 15.86 36.11
C LYS A 326 -3.06 17.02 36.83
N LYS A 327 -3.02 18.20 36.22
CA LYS A 327 -3.61 19.39 36.81
C LYS A 327 -5.08 19.56 36.39
N LEU A 328 -5.49 18.88 35.32
CA LEU A 328 -6.87 18.96 34.86
C LEU A 328 -7.76 18.26 35.89
N TYR A 329 -7.42 17.03 36.25
CA TYR A 329 -8.22 16.30 37.23
C TYR A 329 -8.37 17.10 38.53
N THR A 330 -7.28 17.71 39.00
CA THR A 330 -7.33 18.51 40.22
C THR A 330 -8.39 19.59 40.07
N ALA A 331 -8.39 20.23 38.90
CA ALA A 331 -9.35 21.29 38.61
C ALA A 331 -10.75 20.67 38.66
N TYR A 332 -10.86 19.44 38.18
CA TYR A 332 -12.13 18.73 38.17
C TYR A 332 -12.62 18.50 39.60
N GLN A 333 -11.76 17.93 40.43
CA GLN A 333 -12.13 17.66 41.82
C GLN A 333 -12.71 18.91 42.49
N LYS A 334 -12.17 20.08 42.17
CA LYS A 334 -12.65 21.33 42.75
C LYS A 334 -14.07 21.71 42.37
N VAL A 335 -14.50 21.40 41.15
CA VAL A 335 -15.87 21.74 40.77
C VAL A 335 -16.86 20.87 41.50
N LEU A 336 -16.60 19.56 41.53
CA LEU A 336 -17.50 18.63 42.22
C LEU A 336 -17.63 19.00 43.68
N SER A 337 -18.82 18.78 44.24
CA SER A 337 -19.06 19.08 45.64
C SER A 337 -18.45 17.99 46.50
N LYS A 338 -18.12 18.33 47.74
CA LYS A 338 -17.53 17.36 48.66
C LYS A 338 -18.43 16.15 48.86
N LYS A 339 -19.74 16.34 48.73
CA LYS A 339 -20.66 15.23 48.93
C LYS A 339 -20.28 14.01 48.10
N PHE A 340 -19.61 14.25 46.97
CA PHE A 340 -19.18 13.18 46.08
C PHE A 340 -17.98 12.46 46.69
N ASP A 341 -17.43 13.05 47.75
CA ASP A 341 -16.29 12.48 48.46
C ASP A 341 -15.42 11.61 47.57
N PHE A 342 -14.72 12.24 46.63
CA PHE A 342 -13.85 11.49 45.73
C PHE A 342 -12.58 12.27 45.45
N ILE A 343 -11.52 11.55 45.11
CA ILE A 343 -10.25 12.17 44.80
C ILE A 343 -9.94 11.88 43.34
N ALA A 344 -9.42 12.88 42.64
CA ALA A 344 -9.09 12.71 41.22
C ALA A 344 -7.77 11.96 41.11
N PRO A 345 -7.68 11.02 40.15
CA PRO A 345 -6.44 10.26 39.99
C PRO A 345 -5.36 11.22 39.53
N GLN A 346 -4.14 11.02 40.00
CA GLN A 346 -3.04 11.89 39.63
C GLN A 346 -2.01 11.16 38.79
N PRO A 347 -2.32 10.94 37.50
CA PRO A 347 -1.40 10.25 36.58
C PRO A 347 -0.01 10.84 36.68
N ASN A 348 1.00 10.06 36.29
CA ASN A 348 2.37 10.54 36.32
C ASN A 348 3.06 10.30 35.00
N ASP A 349 2.29 9.93 33.99
CA ASP A 349 2.84 9.65 32.67
C ASP A 349 3.59 10.80 32.03
N TYR A 350 3.38 12.03 32.51
CA TYR A 350 4.01 13.20 31.91
C TYR A 350 4.94 14.04 32.82
N ASP A 351 5.32 13.50 33.97
CA ASP A 351 6.18 14.23 34.91
C ASP A 351 7.52 14.69 34.35
N ASN A 352 8.03 14.00 33.33
CA ASN A 352 9.32 14.34 32.75
C ASN A 352 9.24 15.23 31.50
N SER A 353 8.16 15.99 31.38
CA SER A 353 7.99 16.86 30.23
C SER A 353 8.77 18.14 30.41
N ILE A 354 9.59 18.49 29.42
CA ILE A 354 10.37 19.72 29.51
C ILE A 354 9.40 20.89 29.46
N TRP A 355 8.13 20.59 29.22
CA TRP A 355 7.10 21.63 29.13
C TRP A 355 6.57 22.11 30.46
N HIS A 356 6.98 21.48 31.55
CA HIS A 356 6.54 21.90 32.87
C HIS A 356 7.29 23.15 33.31
N HIS A 357 8.34 23.52 32.59
CA HIS A 357 9.16 24.69 32.96
C HIS A 357 9.60 25.59 31.80
N SER A 358 9.50 25.09 30.57
CA SER A 358 9.92 25.88 29.41
C SER A 358 8.80 26.29 28.46
N LEU A 359 7.55 26.24 28.93
CA LEU A 359 6.42 26.60 28.08
C LEU A 359 5.79 27.94 28.47
N PRO A 360 5.83 28.93 27.56
CA PRO A 360 5.24 30.25 27.85
C PRO A 360 3.76 30.14 28.20
N ALA A 361 3.36 30.83 29.27
CA ALA A 361 1.99 30.83 29.76
C ALA A 361 0.89 30.98 28.70
N ASN A 362 1.05 31.97 27.81
CA ASN A 362 0.07 32.22 26.76
C ASN A 362 -0.46 30.98 26.03
N PHE A 363 0.40 29.98 25.85
CA PHE A 363 0.04 28.75 25.15
C PHE A 363 -1.08 27.95 25.82
N LEU A 364 -1.19 28.06 27.14
CA LEU A 364 -2.22 27.33 27.88
C LEU A 364 -3.48 28.16 28.11
N LYS A 365 -3.57 29.28 27.40
CA LYS A 365 -4.74 30.16 27.53
C LYS A 365 -5.50 30.28 26.21
N ASN A 366 -6.07 29.16 25.76
CA ASN A 366 -6.84 29.13 24.52
C ASN A 366 -8.34 29.17 24.84
N PHE A 367 -8.87 30.39 24.89
CA PHE A 367 -10.27 30.62 25.22
C PHE A 367 -11.28 30.23 24.12
N ASN A 368 -10.90 30.43 22.86
CA ASN A 368 -11.80 30.14 21.73
C ASN A 368 -11.90 28.68 21.27
N MET A 369 -10.97 27.84 21.73
CA MET A 369 -10.95 26.43 21.36
C MET A 369 -12.31 25.74 21.52
N PRO A 370 -12.79 25.08 20.44
CA PRO A 370 -14.08 24.38 20.48
C PRO A 370 -13.99 22.96 21.05
N HIS B 5 -0.80 -9.12 -50.65
CA HIS B 5 -0.45 -7.86 -51.36
C HIS B 5 -1.31 -6.70 -50.84
N ILE B 6 -0.70 -5.79 -50.09
CA ILE B 6 -1.45 -4.66 -49.59
C ILE B 6 -0.99 -3.36 -50.25
N HIS B 7 -1.75 -2.89 -51.23
CA HIS B 7 -1.40 -1.67 -51.94
C HIS B 7 -1.54 -0.46 -51.00
N LEU B 16 9.18 2.87 -48.22
CA LEU B 16 9.65 3.61 -47.05
C LEU B 16 11.06 4.15 -47.21
N PRO B 17 11.21 5.48 -47.27
CA PRO B 17 12.52 6.13 -47.43
C PRO B 17 13.31 6.27 -46.14
N SER B 18 14.61 6.49 -46.28
CA SER B 18 15.51 6.67 -45.14
C SER B 18 16.84 7.20 -45.64
N ASN B 19 17.35 8.21 -44.96
CA ASN B 19 18.62 8.84 -45.30
C ASN B 19 19.63 8.66 -44.19
N ILE B 20 19.13 8.34 -42.99
CA ILE B 20 20.01 8.14 -41.85
C ILE B 20 21.02 7.04 -42.15
N PRO B 21 22.33 7.38 -42.07
CA PRO B 21 23.37 6.40 -42.34
C PRO B 21 23.04 5.02 -41.78
N MET B 22 22.71 4.09 -42.67
CA MET B 22 22.38 2.73 -42.27
C MET B 22 23.66 1.90 -42.23
N ILE B 23 24.36 1.98 -41.09
CA ILE B 23 25.61 1.26 -40.90
C ILE B 23 25.46 -0.26 -40.98
N GLU B 24 24.25 -0.77 -40.81
CA GLU B 24 24.05 -2.22 -40.85
C GLU B 24 22.61 -2.69 -41.06
N ILE B 25 22.49 -3.81 -41.74
CA ILE B 25 21.21 -4.44 -41.98
C ILE B 25 21.49 -5.92 -41.87
N ASN B 26 21.32 -6.43 -40.65
CA ASN B 26 21.58 -7.83 -40.35
C ASN B 26 20.29 -8.58 -39.98
N PRO B 27 19.92 -9.60 -40.75
CA PRO B 27 18.73 -10.40 -40.50
C PRO B 27 18.73 -11.04 -39.12
N THR B 28 19.92 -11.30 -38.61
CA THR B 28 20.08 -11.94 -37.31
C THR B 28 19.84 -11.00 -36.14
N ARG B 29 19.73 -9.70 -36.41
CA ARG B 29 19.47 -8.72 -35.34
C ARG B 29 17.95 -8.57 -35.32
N VAL B 30 17.32 -9.23 -34.35
CA VAL B 30 15.87 -9.21 -34.23
C VAL B 30 15.34 -8.45 -33.01
N THR B 31 14.02 -8.38 -32.94
CA THR B 31 13.30 -7.76 -31.82
C THR B 31 12.08 -8.64 -31.54
N LEU B 32 11.92 -9.05 -30.28
CA LEU B 32 10.80 -9.88 -29.91
C LEU B 32 9.78 -9.09 -29.09
N ASN B 33 8.53 -9.17 -29.49
CA ASN B 33 7.47 -8.47 -28.80
C ASN B 33 6.65 -9.46 -28.00
N MET B 34 6.40 -9.13 -26.74
CA MET B 34 5.62 -10.00 -25.86
C MET B 34 4.75 -9.18 -24.93
N GLU B 35 3.73 -9.83 -24.38
CA GLU B 35 2.80 -9.17 -23.47
C GLU B 35 3.02 -9.59 -22.03
N PHE B 36 3.46 -8.65 -21.22
CA PHE B 36 3.70 -8.89 -19.80
C PHE B 36 2.77 -7.98 -19.01
N GLU B 37 1.97 -8.56 -18.13
CA GLU B 37 1.05 -7.81 -17.30
C GLU B 37 1.83 -6.76 -16.50
N SER B 38 1.34 -5.52 -16.54
CA SER B 38 1.95 -4.38 -15.87
C SER B 38 1.93 -4.41 -14.34
N GLN B 39 0.89 -5.01 -13.77
CA GLN B 39 0.77 -5.08 -12.31
C GLN B 39 2.02 -5.72 -11.69
N TYR B 40 2.87 -6.30 -12.54
CA TYR B 40 4.11 -6.95 -12.10
C TYR B 40 5.37 -6.24 -12.57
N TYR B 41 5.22 -5.11 -13.24
CA TYR B 41 6.39 -4.38 -13.72
C TYR B 41 7.36 -3.99 -12.60
N SER B 42 6.86 -3.39 -11.54
CA SER B 42 7.71 -2.99 -10.43
C SER B 42 8.53 -4.16 -9.90
N LEU B 43 7.91 -5.32 -9.76
CA LEU B 43 8.60 -6.52 -9.27
C LEU B 43 9.63 -7.00 -10.29
N MET B 44 9.46 -6.60 -11.54
CA MET B 44 10.37 -7.02 -12.60
C MET B 44 11.62 -6.17 -12.73
N THR B 45 11.55 -4.92 -12.29
CA THR B 45 12.73 -4.08 -12.35
C THR B 45 12.98 -3.60 -10.93
N SER B 46 12.99 -4.57 -10.02
CA SER B 46 13.15 -4.35 -8.58
C SER B 46 14.32 -3.53 -8.07
N ASP B 47 15.52 -3.74 -8.58
CA ASP B 47 16.69 -2.99 -8.12
C ASP B 47 17.38 -3.37 -6.82
N ASN B 48 17.33 -4.62 -6.38
CA ASN B 48 18.02 -4.94 -5.15
C ASN B 48 19.33 -5.69 -5.39
N GLY B 49 19.66 -5.92 -6.65
CA GLY B 49 20.87 -6.63 -6.97
C GLY B 49 20.63 -8.09 -7.29
N ASP B 50 19.57 -8.68 -6.77
CA ASP B 50 19.32 -10.08 -7.06
C ASP B 50 19.43 -10.34 -8.56
N HIS B 51 20.09 -11.43 -8.91
CA HIS B 51 20.33 -11.81 -10.30
C HIS B 51 19.10 -12.10 -11.19
N GLU B 52 17.90 -11.94 -10.64
CA GLU B 52 16.68 -12.25 -11.39
C GLU B 52 15.80 -11.11 -11.93
N ASN B 53 16.29 -9.88 -11.91
CA ASN B 53 15.48 -8.77 -12.43
C ASN B 53 15.75 -8.55 -13.91
N VAL B 54 15.04 -7.60 -14.50
CA VAL B 54 15.18 -7.29 -15.93
C VAL B 54 16.58 -6.84 -16.33
N ALA B 55 17.24 -6.06 -15.48
CA ALA B 55 18.60 -5.60 -15.80
C ALA B 55 19.57 -6.76 -15.82
N SER B 56 19.45 -7.66 -14.87
CA SER B 56 20.33 -8.82 -14.78
C SER B 56 20.18 -9.71 -16.01
N ILE B 57 18.94 -9.87 -16.47
CA ILE B 57 18.68 -10.71 -17.63
C ILE B 57 19.30 -10.09 -18.89
N MET B 58 19.25 -8.77 -18.99
CA MET B 58 19.83 -8.08 -20.14
C MET B 58 21.31 -8.40 -20.19
N ALA B 59 22.00 -8.12 -19.08
CA ALA B 59 23.43 -8.36 -18.96
C ALA B 59 23.78 -9.82 -19.23
N GLU B 60 23.01 -10.73 -18.63
CA GLU B 60 23.25 -12.16 -18.80
C GLU B 60 22.92 -12.61 -20.23
N THR B 61 22.52 -11.66 -21.07
CA THR B 61 22.13 -12.01 -22.43
C THR B 61 22.61 -11.04 -23.50
N ASN B 62 23.16 -9.91 -23.08
CA ASN B 62 23.61 -8.91 -24.03
C ASN B 62 22.46 -8.67 -24.98
N THR B 63 21.44 -8.01 -24.46
CA THR B 63 20.24 -7.75 -25.21
C THR B 63 19.55 -6.55 -24.55
N LEU B 64 18.64 -5.91 -25.26
CA LEU B 64 17.93 -4.73 -24.73
C LEU B 64 16.44 -4.98 -24.49
N ILE B 65 16.04 -5.03 -23.22
CA ILE B 65 14.65 -5.26 -22.85
C ILE B 65 14.02 -3.99 -22.30
N GLN B 66 12.89 -3.59 -22.88
CA GLN B 66 12.18 -2.40 -22.45
C GLN B 66 10.72 -2.67 -22.14
N LEU B 67 10.20 -1.97 -21.13
CA LEU B 67 8.80 -2.12 -20.75
C LEU B 67 8.09 -0.86 -21.21
N PRO B 68 6.77 -0.95 -21.46
CA PRO B 68 6.02 0.24 -21.90
C PRO B 68 5.94 1.25 -20.76
N THR B 75 -9.55 6.85 -28.16
CA THR B 75 -10.64 6.35 -28.99
C THR B 75 -10.48 4.84 -29.19
N THR B 76 -9.25 4.42 -29.46
CA THR B 76 -8.93 3.01 -29.66
C THR B 76 -7.96 2.60 -28.57
N PRO B 77 -8.13 1.39 -28.01
CA PRO B 77 -7.23 0.91 -26.95
C PRO B 77 -5.80 0.93 -27.45
N ASP B 78 -4.84 1.16 -26.56
CA ASP B 78 -3.43 1.20 -26.93
C ASP B 78 -2.88 -0.20 -27.09
N PRO B 79 -2.59 -0.59 -28.35
CA PRO B 79 -2.06 -1.92 -28.66
C PRO B 79 -0.70 -2.21 -28.05
N PHE B 80 -0.09 -1.22 -27.39
CA PHE B 80 1.22 -1.42 -26.78
C PHE B 80 1.26 -1.05 -25.30
N ALA B 81 0.10 -1.12 -24.64
CA ALA B 81 -0.01 -0.79 -23.24
C ALA B 81 0.80 -1.74 -22.36
N GLN B 82 1.00 -2.97 -22.83
CA GLN B 82 1.73 -3.95 -22.04
C GLN B 82 2.70 -4.79 -22.87
N GLN B 83 3.26 -4.18 -23.92
CA GLN B 83 4.16 -4.89 -24.81
C GLN B 83 5.64 -4.66 -24.50
N VAL B 84 6.31 -5.73 -24.09
CA VAL B 84 7.73 -5.67 -23.77
C VAL B 84 8.53 -6.13 -24.98
N THR B 85 9.52 -5.34 -25.39
CA THR B 85 10.36 -5.68 -26.52
C THR B 85 11.73 -6.20 -26.07
N ILE B 86 12.31 -7.11 -26.84
CA ILE B 86 13.62 -7.69 -26.54
C ILE B 86 14.45 -7.70 -27.81
N THR B 87 15.41 -6.78 -27.88
CA THR B 87 16.27 -6.64 -29.07
C THR B 87 17.68 -7.19 -28.93
N GLY B 88 18.23 -7.65 -30.06
CA GLY B 88 19.57 -8.20 -30.08
C GLY B 88 19.71 -9.40 -31.00
N TYR B 89 20.77 -10.18 -30.81
CA TYR B 89 21.00 -11.37 -31.61
C TYR B 89 19.86 -12.36 -31.33
N PHE B 90 19.24 -12.87 -32.39
CA PHE B 90 18.14 -13.82 -32.24
C PHE B 90 18.42 -14.83 -31.13
N GLY B 91 19.55 -15.52 -31.25
CA GLY B 91 19.94 -16.52 -30.28
C GLY B 91 19.85 -16.05 -28.84
N ASP B 92 20.34 -14.84 -28.58
CA ASP B 92 20.28 -14.30 -27.22
C ASP B 92 18.83 -13.98 -26.89
N VAL B 93 18.16 -13.30 -27.81
CA VAL B 93 16.77 -12.92 -27.60
C VAL B 93 15.92 -14.10 -27.18
N ASP B 94 16.11 -15.26 -27.79
CA ASP B 94 15.34 -16.43 -27.40
C ASP B 94 15.58 -16.69 -25.92
N ARG B 95 16.84 -16.63 -25.49
CA ARG B 95 17.17 -16.86 -24.09
C ARG B 95 16.40 -15.89 -23.19
N ALA B 96 16.49 -14.60 -23.50
CA ALA B 96 15.79 -13.58 -22.71
C ALA B 96 14.31 -13.91 -22.60
N ARG B 97 13.72 -14.40 -23.67
CA ARG B 97 12.31 -14.77 -23.64
C ARG B 97 12.10 -15.72 -22.46
N MET B 98 12.74 -16.88 -22.54
CA MET B 98 12.66 -17.88 -21.49
C MET B 98 12.91 -17.28 -20.12
N LEU B 99 14.09 -16.71 -19.92
CA LEU B 99 14.41 -16.11 -18.62
C LEU B 99 13.29 -15.16 -18.20
N MET B 100 12.88 -14.25 -19.09
CA MET B 100 11.83 -13.30 -18.77
C MET B 100 10.55 -13.96 -18.25
N ARG B 101 10.12 -15.05 -18.88
CA ARG B 101 8.91 -15.74 -18.46
C ARG B 101 9.16 -16.47 -17.14
N ARG B 102 10.26 -17.20 -17.08
CA ARG B 102 10.61 -17.95 -15.88
C ARG B 102 10.64 -17.04 -14.65
N ASN B 103 11.30 -15.90 -14.77
CA ASN B 103 11.42 -14.98 -13.63
C ASN B 103 10.20 -14.16 -13.26
N CYS B 104 9.33 -13.87 -14.21
CA CYS B 104 8.18 -13.05 -13.89
C CYS B 104 7.30 -13.58 -12.77
N HIS B 105 6.83 -12.67 -11.93
CA HIS B 105 5.96 -13.00 -10.80
C HIS B 105 4.52 -13.17 -11.25
N PHE B 106 3.70 -13.74 -10.38
CA PHE B 106 2.27 -13.93 -10.62
C PHE B 106 1.65 -14.05 -9.22
N THR B 107 0.47 -13.44 -9.02
CA THR B 107 -0.22 -13.43 -7.73
C THR B 107 -1.46 -14.33 -7.71
N VAL B 108 -1.86 -14.74 -6.51
CA VAL B 108 -3.03 -15.60 -6.34
C VAL B 108 -3.70 -15.26 -5.01
N PHE B 109 -5.02 -15.13 -4.99
CA PHE B 109 -5.75 -14.79 -3.76
C PHE B 109 -6.56 -15.94 -3.16
N MET B 110 -6.45 -16.12 -1.85
CA MET B 110 -7.18 -17.17 -1.14
C MET B 110 -8.30 -16.56 -0.26
N ALA B 111 -9.50 -17.14 -0.35
CA ALA B 111 -10.64 -16.66 0.43
C ALA B 111 -10.52 -17.09 1.90
N LEU B 112 -10.88 -16.21 2.82
CA LEU B 112 -10.78 -16.51 4.25
C LEU B 112 -12.11 -16.57 4.99
N SER B 113 -13.20 -16.82 4.28
CA SER B 113 -14.50 -16.87 4.92
C SER B 113 -14.72 -18.12 5.76
N LYS B 114 -14.90 -19.25 5.10
CA LYS B 114 -15.14 -20.51 5.77
C LYS B 114 -14.23 -20.85 6.95
N MET B 115 -12.99 -20.36 6.93
CA MET B 115 -12.05 -20.68 8.00
C MET B 115 -12.68 -20.56 9.39
N LYS B 116 -12.28 -21.46 10.28
CA LYS B 116 -12.82 -21.48 11.64
C LYS B 116 -11.88 -20.86 12.67
N MET B 117 -10.59 -20.90 12.39
CA MET B 117 -9.59 -20.34 13.30
C MET B 117 -9.48 -18.82 13.14
N PRO B 118 -9.47 -18.09 14.26
CA PRO B 118 -9.36 -16.63 14.21
C PRO B 118 -8.26 -16.10 13.28
N LEU B 119 -8.60 -15.09 12.51
CA LEU B 119 -7.67 -14.48 11.56
C LEU B 119 -6.28 -14.27 12.17
N HIS B 120 -6.23 -13.66 13.34
CA HIS B 120 -4.99 -13.38 14.04
C HIS B 120 -4.12 -14.63 14.20
N GLU B 121 -4.78 -15.77 14.32
CA GLU B 121 -4.09 -17.04 14.49
C GLU B 121 -3.51 -17.51 13.15
N LEU B 122 -4.14 -17.08 12.05
CA LEU B 122 -3.67 -17.45 10.73
C LEU B 122 -2.45 -16.60 10.36
N GLN B 123 -2.56 -15.29 10.60
CA GLN B 123 -1.47 -14.38 10.30
C GLN B 123 -0.22 -14.77 11.08
N ALA B 124 -0.43 -15.10 12.35
CA ALA B 124 0.65 -15.51 13.24
C ALA B 124 1.38 -16.71 12.65
N HIS B 125 0.60 -17.64 12.10
CA HIS B 125 1.13 -18.85 11.51
C HIS B 125 2.06 -18.61 10.32
N VAL B 126 1.66 -17.76 9.38
CA VAL B 126 2.51 -17.51 8.22
C VAL B 126 3.82 -16.85 8.58
N ARG B 127 3.78 -15.94 9.55
CA ARG B 127 5.00 -15.24 9.97
C ARG B 127 5.99 -16.19 10.63
N GLN B 128 5.48 -17.21 11.31
CA GLN B 128 6.37 -18.17 11.96
C GLN B 128 6.82 -19.23 10.96
N ASN B 129 6.42 -19.07 9.70
CA ASN B 129 6.81 -20.03 8.68
C ASN B 129 6.96 -19.38 7.29
N PRO B 130 7.83 -18.36 7.18
CA PRO B 130 8.04 -17.70 5.89
C PRO B 130 8.70 -18.62 4.87
N ILE B 131 8.52 -18.30 3.58
CA ILE B 131 9.08 -19.07 2.48
C ILE B 131 9.76 -18.08 1.55
N GLN B 132 11.08 -18.07 1.53
CA GLN B 132 11.85 -17.14 0.69
C GLN B 132 11.24 -16.81 -0.67
N ASN B 133 10.81 -17.82 -1.40
CA ASN B 133 10.21 -17.66 -2.73
C ASN B 133 8.70 -17.48 -2.73
N VAL B 134 8.10 -17.31 -1.56
CA VAL B 134 6.65 -17.17 -1.50
C VAL B 134 6.16 -16.15 -0.47
N GLU B 135 5.94 -14.91 -0.90
CA GLU B 135 5.44 -13.88 0.01
C GLU B 135 3.93 -14.04 0.19
N MET B 136 3.46 -13.91 1.43
CA MET B 136 2.03 -14.02 1.72
C MET B 136 1.58 -12.76 2.45
N SER B 137 0.53 -12.12 1.94
CA SER B 137 0.04 -10.89 2.56
C SER B 137 -1.48 -10.84 2.67
N PHE B 138 -1.96 -10.37 3.81
CA PHE B 138 -3.38 -10.24 4.05
C PHE B 138 -3.83 -8.89 3.50
N VAL B 139 -4.53 -8.92 2.38
CA VAL B 139 -4.98 -7.69 1.75
C VAL B 139 -6.50 -7.53 1.89
N ASP B 140 -6.93 -6.33 2.25
CA ASP B 140 -8.34 -6.04 2.42
C ASP B 140 -8.90 -5.32 1.18
N THR B 149 -14.47 -8.88 4.06
CA THR B 149 -13.90 -9.96 3.24
C THR B 149 -12.40 -9.78 3.03
N THR B 150 -11.60 -10.42 3.88
CA THR B 150 -10.15 -10.35 3.77
C THR B 150 -9.64 -11.49 2.90
N TYR B 151 -8.45 -11.31 2.33
CA TYR B 151 -7.84 -12.29 1.44
C TYR B 151 -6.34 -12.46 1.73
N LEU B 152 -5.84 -13.69 1.59
CA LEU B 152 -4.42 -13.93 1.79
C LEU B 152 -3.76 -13.93 0.41
N ARG B 153 -3.04 -12.87 0.10
CA ARG B 153 -2.39 -12.76 -1.20
C ARG B 153 -1.04 -13.47 -1.28
N ILE B 154 -1.00 -14.51 -2.11
CA ILE B 154 0.19 -15.30 -2.33
C ILE B 154 0.78 -14.85 -3.66
N THR B 155 2.09 -14.66 -3.69
CA THR B 155 2.78 -14.19 -4.90
C THR B 155 4.17 -14.79 -5.06
N ALA B 156 4.45 -15.36 -6.22
CA ALA B 156 5.76 -15.95 -6.46
C ALA B 156 6.17 -15.86 -7.92
N ARG B 157 7.42 -16.23 -8.21
CA ARG B 157 7.95 -16.22 -9.57
C ARG B 157 7.46 -17.46 -10.30
N GLU B 158 7.27 -17.33 -11.62
CA GLU B 158 6.81 -18.43 -12.45
C GLU B 158 7.53 -19.73 -12.11
N LYS B 159 8.84 -19.74 -12.29
CA LYS B 159 9.64 -20.93 -12.02
C LYS B 159 9.46 -21.54 -10.62
N ASN B 160 8.99 -20.76 -9.66
CA ASN B 160 8.78 -21.25 -8.30
C ASN B 160 7.31 -21.64 -8.04
N GLN B 161 6.57 -21.85 -9.13
CA GLN B 161 5.16 -22.22 -9.04
C GLN B 161 4.89 -23.42 -8.12
N HIS B 162 5.74 -24.43 -8.17
CA HIS B 162 5.55 -25.61 -7.35
C HIS B 162 5.63 -25.30 -5.85
N GLU B 163 6.40 -24.27 -5.49
CA GLU B 163 6.50 -23.90 -4.08
C GLU B 163 5.21 -23.21 -3.66
N LEU B 164 4.64 -22.43 -4.57
CA LEU B 164 3.41 -21.72 -4.26
C LEU B 164 2.24 -22.67 -4.05
N ILE B 165 2.01 -23.54 -5.02
CA ILE B 165 0.92 -24.48 -4.90
C ILE B 165 1.10 -25.28 -3.61
N GLU B 166 2.31 -25.78 -3.39
CA GLU B 166 2.60 -26.55 -2.17
C GLU B 166 2.23 -25.71 -0.95
N ALA B 167 2.68 -24.47 -0.92
CA ALA B 167 2.37 -23.59 0.21
C ALA B 167 0.86 -23.44 0.35
N ALA B 168 0.18 -23.19 -0.76
CA ALA B 168 -1.27 -23.01 -0.78
C ALA B 168 -2.04 -24.29 -0.45
N LYS B 169 -1.40 -25.45 -0.61
CA LYS B 169 -2.07 -26.70 -0.29
C LYS B 169 -1.97 -27.01 1.20
N ARG B 170 -0.86 -26.63 1.83
CA ARG B 170 -0.74 -26.87 3.25
C ARG B 170 -1.87 -26.08 3.89
N LEU B 171 -1.87 -24.77 3.63
CA LEU B 171 -2.87 -23.87 4.18
C LEU B 171 -4.29 -24.41 4.06
N ASN B 172 -4.63 -25.06 2.95
CA ASN B 172 -5.97 -25.62 2.81
C ASN B 172 -6.16 -26.66 3.90
N GLU B 173 -5.25 -27.64 3.94
CA GLU B 173 -5.33 -28.68 4.94
C GLU B 173 -5.54 -28.05 6.32
N ILE B 174 -4.56 -27.24 6.75
CA ILE B 174 -4.63 -26.58 8.05
C ILE B 174 -5.92 -25.78 8.28
N LEU B 175 -6.37 -25.07 7.25
CA LEU B 175 -7.59 -24.27 7.38
C LEU B 175 -8.89 -25.04 7.16
N PHE B 176 -8.80 -26.28 6.71
CA PHE B 176 -10.01 -27.06 6.46
C PHE B 176 -9.82 -28.57 6.70
N GLU B 183 -13.35 -25.77 -1.52
CA GLU B 183 -13.25 -25.89 -2.97
C GLU B 183 -13.44 -24.53 -3.62
N ASN B 184 -12.65 -24.24 -4.66
CA ASN B 184 -12.73 -22.98 -5.38
C ASN B 184 -12.59 -21.74 -4.51
N ASN B 185 -11.49 -21.68 -3.79
CA ASN B 185 -11.17 -20.60 -2.85
C ASN B 185 -10.01 -19.77 -3.36
N PHE B 186 -9.64 -19.96 -4.62
CA PHE B 186 -8.53 -19.22 -5.20
C PHE B 186 -8.93 -18.38 -6.41
N THR B 187 -8.42 -17.16 -6.47
CA THR B 187 -8.71 -16.26 -7.58
C THR B 187 -7.44 -15.64 -8.15
N LEU B 188 -7.39 -15.51 -9.48
CA LEU B 188 -6.26 -14.88 -10.17
C LEU B 188 -6.82 -13.75 -11.03
N HIS B 189 -6.07 -12.65 -11.15
CA HIS B 189 -6.54 -11.50 -11.92
C HIS B 189 -5.63 -11.18 -13.08
N PHE B 190 -5.78 -11.92 -14.18
CA PHE B 190 -4.95 -11.68 -15.34
C PHE B 190 -5.37 -10.34 -15.93
N THR B 191 -4.39 -9.55 -16.38
CA THR B 191 -4.71 -8.27 -17.00
C THR B 191 -4.19 -8.29 -18.42
N LEU B 192 -5.11 -8.32 -19.37
CA LEU B 192 -4.80 -8.34 -20.79
C LEU B 192 -4.99 -6.94 -21.32
N SER B 193 -4.39 -6.64 -22.47
CA SER B 193 -4.56 -5.33 -23.10
C SER B 193 -5.85 -5.42 -23.89
N THR B 194 -6.80 -4.54 -23.58
CA THR B 194 -8.10 -4.55 -24.26
C THR B 194 -7.99 -4.76 -25.78
N TYR B 195 -6.99 -4.16 -26.40
CA TYR B 195 -6.81 -4.28 -27.86
C TYR B 195 -6.98 -5.72 -28.34
N TYR B 196 -6.41 -6.66 -27.60
CA TYR B 196 -6.43 -8.08 -27.96
C TYR B 196 -7.57 -8.94 -27.43
N VAL B 197 -8.58 -8.31 -26.83
CA VAL B 197 -9.70 -9.07 -26.30
C VAL B 197 -10.37 -9.95 -27.35
N ASP B 198 -10.54 -9.42 -28.57
CA ASP B 198 -11.18 -10.18 -29.63
C ASP B 198 -10.28 -11.22 -30.28
N GLN B 199 -9.04 -11.30 -29.84
CA GLN B 199 -8.08 -12.27 -30.37
C GLN B 199 -7.82 -13.35 -29.32
N VAL B 200 -8.03 -12.99 -28.06
CA VAL B 200 -7.84 -13.91 -26.95
C VAL B 200 -9.19 -14.46 -26.51
N LEU B 201 -10.15 -13.56 -26.26
CA LEU B 201 -11.49 -13.94 -25.82
C LEU B 201 -12.35 -14.32 -27.02
N GLY B 202 -12.18 -13.58 -28.11
CA GLY B 202 -12.96 -13.82 -29.32
C GLY B 202 -13.81 -12.62 -29.64
N SER B 203 -14.35 -12.59 -30.86
CA SER B 203 -15.20 -11.49 -31.30
C SER B 203 -16.49 -12.06 -31.92
N SER B 204 -17.35 -11.18 -32.43
CA SER B 204 -18.61 -11.60 -33.02
C SER B 204 -18.51 -12.55 -34.22
N SER B 205 -17.31 -12.71 -34.78
CA SER B 205 -17.15 -13.59 -35.94
C SER B 205 -16.32 -14.84 -35.63
N THR B 206 -16.17 -15.18 -34.35
CA THR B 206 -15.42 -16.36 -33.93
C THR B 206 -16.05 -17.00 -32.72
N ALA B 207 -15.43 -18.10 -32.27
CA ALA B 207 -15.89 -18.82 -31.10
C ALA B 207 -15.39 -18.04 -29.88
N GLN B 208 -15.97 -18.30 -28.71
CA GLN B 208 -15.52 -17.65 -27.49
C GLN B 208 -14.48 -18.62 -26.93
N LEU B 209 -13.23 -18.21 -26.81
CA LEU B 209 -12.21 -19.12 -26.31
C LEU B 209 -12.08 -19.39 -24.81
N MET B 210 -12.62 -18.51 -23.95
CA MET B 210 -12.53 -18.78 -22.51
C MET B 210 -13.30 -20.03 -22.09
N PRO B 211 -14.58 -20.12 -22.45
CA PRO B 211 -15.34 -21.31 -22.06
C PRO B 211 -14.54 -22.60 -22.27
N VAL B 212 -13.89 -22.70 -23.43
CA VAL B 212 -13.10 -23.89 -23.70
C VAL B 212 -12.11 -24.15 -22.59
N ILE B 213 -11.56 -23.08 -22.03
CA ILE B 213 -10.61 -23.19 -20.93
C ILE B 213 -11.32 -23.70 -19.67
N GLU B 214 -12.50 -23.15 -19.39
CA GLU B 214 -13.29 -23.55 -18.22
C GLU B 214 -13.58 -25.04 -18.21
N ARG B 215 -13.84 -25.60 -19.38
CA ARG B 215 -14.14 -27.02 -19.51
C ARG B 215 -12.90 -27.87 -19.29
N GLU B 216 -11.77 -27.37 -19.77
CA GLU B 216 -10.50 -28.08 -19.63
C GLU B 216 -9.90 -27.98 -18.24
N THR B 217 -10.26 -26.93 -17.50
CA THR B 217 -9.70 -26.71 -16.18
C THR B 217 -10.67 -26.61 -15.02
N THR B 218 -11.97 -26.71 -15.27
CA THR B 218 -12.95 -26.64 -14.20
C THR B 218 -12.76 -25.35 -13.39
N THR B 219 -12.72 -24.22 -14.08
CA THR B 219 -12.57 -22.93 -13.45
C THR B 219 -13.73 -22.07 -13.93
N ILE B 220 -14.03 -20.99 -13.20
CA ILE B 220 -15.11 -20.08 -13.61
C ILE B 220 -14.43 -18.79 -14.01
N ILE B 221 -14.39 -18.53 -15.31
CA ILE B 221 -13.75 -17.34 -15.84
C ILE B 221 -14.76 -16.27 -16.22
N SER B 222 -14.80 -15.18 -15.46
CA SER B 222 -15.73 -14.10 -15.76
C SER B 222 -14.93 -12.84 -16.13
N TYR B 223 -15.57 -11.98 -16.92
CA TYR B 223 -14.94 -10.75 -17.38
C TYR B 223 -16.01 -9.72 -17.77
N PRO B 224 -15.65 -8.43 -17.78
CA PRO B 224 -16.62 -7.38 -18.15
C PRO B 224 -17.07 -7.47 -19.60
N GLY B 234 -10.24 1.33 -22.74
CA GLY B 234 -9.84 1.44 -21.35
C GLY B 234 -8.38 1.13 -21.16
N ASN B 235 -7.81 0.45 -22.15
CA ASN B 235 -6.39 0.06 -22.19
C ASN B 235 -5.96 -1.12 -21.33
N ILE B 236 -6.80 -1.54 -20.41
CA ILE B 236 -6.51 -2.68 -19.55
C ILE B 236 -7.79 -3.46 -19.29
N TYR B 237 -7.81 -4.72 -19.70
CA TYR B 237 -8.96 -5.61 -19.52
C TYR B 237 -8.65 -6.63 -18.44
N GLU B 238 -9.52 -6.73 -17.43
CA GLU B 238 -9.29 -7.67 -16.34
C GLU B 238 -10.13 -8.94 -16.46
N ILE B 239 -9.44 -10.09 -16.48
CA ILE B 239 -10.05 -11.41 -16.57
C ILE B 239 -9.92 -12.13 -15.24
N LYS B 240 -11.05 -12.40 -14.57
CA LYS B 240 -11.07 -13.07 -13.26
C LYS B 240 -11.29 -14.57 -13.37
N VAL B 241 -10.42 -15.35 -12.73
CA VAL B 241 -10.50 -16.81 -12.76
C VAL B 241 -10.50 -17.32 -11.32
N VAL B 242 -11.37 -18.29 -11.02
CA VAL B 242 -11.45 -18.84 -9.68
C VAL B 242 -11.59 -20.35 -9.65
N GLY B 243 -11.16 -20.96 -8.55
CA GLY B 243 -11.23 -22.41 -8.41
C GLY B 243 -10.04 -22.95 -7.65
N ASN B 244 -9.90 -24.27 -7.60
CA ASN B 244 -8.78 -24.91 -6.92
C ASN B 244 -7.47 -24.32 -7.47
N ILE B 245 -6.43 -24.30 -6.65
CA ILE B 245 -5.14 -23.74 -7.04
C ILE B 245 -4.51 -24.31 -8.32
N ASP B 246 -4.42 -25.62 -8.43
CA ASP B 246 -3.84 -26.22 -9.63
C ASP B 246 -4.61 -25.85 -10.90
N ASN B 247 -5.93 -25.72 -10.77
CA ASN B 247 -6.77 -25.37 -11.91
C ASN B 247 -6.55 -23.93 -12.36
N VAL B 248 -6.69 -22.99 -11.44
CA VAL B 248 -6.51 -21.58 -11.80
C VAL B 248 -5.18 -21.34 -12.49
N LEU B 249 -4.11 -21.90 -11.94
CA LEU B 249 -2.79 -21.74 -12.51
C LEU B 249 -2.70 -22.36 -13.89
N LYS B 250 -3.46 -23.41 -14.13
CA LYS B 250 -3.43 -24.04 -15.46
C LYS B 250 -4.17 -23.11 -16.41
N ALA B 251 -5.25 -22.51 -15.93
CA ALA B 251 -6.02 -21.57 -16.74
C ALA B 251 -5.08 -20.45 -17.17
N ARG B 252 -4.31 -19.96 -16.21
CA ARG B 252 -3.34 -18.89 -16.44
C ARG B 252 -2.40 -19.28 -17.58
N ARG B 253 -1.95 -20.52 -17.57
CA ARG B 253 -1.05 -20.99 -18.63
C ARG B 253 -1.77 -20.95 -19.98
N TYR B 254 -2.95 -21.53 -20.04
CA TYR B 254 -3.71 -21.54 -21.29
C TYR B 254 -4.01 -20.14 -21.80
N ILE B 255 -4.51 -19.27 -20.93
CA ILE B 255 -4.80 -17.91 -21.36
C ILE B 255 -3.52 -17.33 -21.97
N MET B 256 -2.41 -17.41 -21.23
CA MET B 256 -1.13 -16.88 -21.71
C MET B 256 -0.64 -17.47 -23.03
N ASP B 257 -1.00 -18.71 -23.33
CA ASP B 257 -0.58 -19.33 -24.59
C ASP B 257 -1.24 -18.63 -25.77
N LEU B 258 -2.28 -17.84 -25.49
CA LEU B 258 -3.01 -17.10 -26.53
C LEU B 258 -2.45 -15.72 -26.79
N LEU B 259 -1.57 -15.26 -25.91
CA LEU B 259 -0.97 -13.95 -26.06
C LEU B 259 -0.27 -13.85 -27.41
N PRO B 260 -0.35 -12.69 -28.07
CA PRO B 260 0.32 -12.60 -29.36
C PRO B 260 1.81 -12.32 -29.14
N ILE B 261 2.62 -12.72 -30.12
CA ILE B 261 4.05 -12.49 -30.10
C ILE B 261 4.43 -12.15 -31.53
N SER B 262 5.53 -11.43 -31.70
CA SER B 262 5.98 -11.05 -33.03
C SER B 262 7.47 -10.85 -32.98
N MET B 263 8.10 -10.84 -34.15
CA MET B 263 9.54 -10.66 -34.26
C MET B 263 9.85 -9.88 -35.53
N CYS B 264 10.44 -8.70 -35.37
CA CYS B 264 10.78 -7.85 -36.50
C CYS B 264 12.27 -7.88 -36.79
N PHE B 265 12.62 -7.53 -38.03
CA PHE B 265 13.99 -7.46 -38.48
C PHE B 265 14.01 -6.98 -39.93
N ASN B 266 15.10 -6.33 -40.32
CA ASN B 266 15.27 -5.84 -41.69
C ASN B 266 16.19 -6.80 -42.42
N ILE B 267 15.93 -7.02 -43.71
CA ILE B 267 16.74 -7.94 -44.49
C ILE B 267 16.85 -7.47 -45.93
N LYS B 268 18.05 -7.55 -46.51
CA LYS B 268 18.26 -7.14 -47.89
C LYS B 268 17.82 -8.27 -48.80
N ASN B 269 17.27 -7.95 -49.95
CA ASN B 269 16.82 -8.97 -50.90
C ASN B 269 17.87 -10.06 -51.07
N THR B 270 19.10 -9.65 -51.40
CA THR B 270 20.22 -10.57 -51.62
C THR B 270 20.51 -11.49 -50.46
N ASP B 271 19.87 -11.26 -49.32
CA ASP B 271 20.07 -12.09 -48.14
C ASP B 271 18.85 -12.97 -47.86
N MET B 272 17.85 -12.87 -48.73
CA MET B 272 16.63 -13.66 -48.60
C MET B 272 16.75 -14.93 -49.46
N ALA B 273 15.92 -15.93 -49.16
CA ALA B 273 15.95 -17.18 -49.92
C ALA B 273 15.13 -17.04 -51.20
N GLU B 274 13.89 -16.56 -51.06
CA GLU B 274 13.01 -16.38 -52.21
C GLU B 274 12.73 -14.89 -52.38
N PRO B 275 13.74 -14.14 -52.87
CA PRO B 275 13.59 -12.69 -53.07
C PRO B 275 12.39 -12.38 -53.95
N ASN B 282 4.74 -2.56 -52.98
CA ASN B 282 3.49 -2.98 -52.35
C ASN B 282 3.76 -3.95 -51.20
N ILE B 283 3.15 -3.69 -50.04
CA ILE B 283 3.32 -4.56 -48.90
C ILE B 283 2.96 -5.99 -49.26
N HIS B 284 3.78 -6.94 -48.78
CA HIS B 284 3.56 -8.35 -49.08
C HIS B 284 3.29 -9.07 -47.77
N MET B 285 2.41 -10.07 -47.80
CA MET B 285 2.09 -10.83 -46.60
C MET B 285 1.83 -12.30 -46.92
N ILE B 286 2.16 -13.18 -45.99
CA ILE B 286 1.97 -14.61 -46.21
C ILE B 286 1.55 -15.37 -44.96
N ILE B 287 0.68 -16.36 -45.15
CA ILE B 287 0.23 -17.21 -44.07
C ILE B 287 0.59 -18.64 -44.44
N ASP B 288 1.32 -19.31 -43.57
CA ASP B 288 1.69 -20.70 -43.83
C ASP B 288 0.61 -21.60 -43.27
N GLU B 289 0.72 -22.89 -43.52
CA GLU B 289 -0.25 -23.84 -43.02
C GLU B 289 -0.14 -23.94 -41.49
N SER B 290 0.77 -23.16 -40.90
CA SER B 290 0.97 -23.18 -39.45
C SER B 290 0.43 -21.97 -38.70
N GLY B 291 -0.26 -21.08 -39.38
CA GLY B 291 -0.82 -19.91 -38.71
C GLY B 291 0.18 -18.80 -38.46
N ILE B 292 1.41 -18.98 -38.93
CA ILE B 292 2.44 -17.97 -38.75
C ILE B 292 2.27 -16.93 -39.87
N ILE B 293 2.30 -15.66 -39.51
CA ILE B 293 2.14 -14.60 -40.48
C ILE B 293 3.40 -13.79 -40.72
N LEU B 294 3.85 -13.76 -41.97
CA LEU B 294 5.03 -13.02 -42.38
C LEU B 294 4.57 -11.72 -43.03
N LYS B 295 5.21 -10.61 -42.69
CA LYS B 295 4.84 -9.34 -43.29
C LYS B 295 6.10 -8.67 -43.80
N MET B 296 6.08 -8.27 -45.07
CA MET B 296 7.22 -7.60 -45.65
C MET B 296 6.86 -6.26 -46.25
N THR B 297 7.45 -5.20 -45.68
CA THR B 297 7.23 -3.83 -46.13
C THR B 297 8.44 -3.35 -46.91
N PRO B 298 8.33 -3.27 -48.25
CA PRO B 298 9.47 -2.80 -49.05
C PRO B 298 9.94 -1.42 -48.66
N SER B 299 11.17 -1.32 -48.17
CA SER B 299 11.75 -0.05 -47.78
C SER B 299 13.08 0.11 -48.52
N VAL B 300 13.51 1.35 -48.71
CA VAL B 300 14.75 1.60 -49.43
C VAL B 300 15.66 2.59 -48.70
N TYR B 301 16.96 2.32 -48.78
CA TYR B 301 17.97 3.18 -48.15
C TYR B 301 18.52 4.13 -49.21
N GLU B 302 18.34 5.43 -48.96
CA GLU B 302 18.80 6.44 -49.91
C GLU B 302 19.93 7.30 -49.35
N PRO B 303 21.17 7.04 -49.78
CA PRO B 303 22.34 7.79 -49.32
C PRO B 303 22.22 9.27 -49.65
N ALA B 304 22.84 10.11 -48.84
CA ALA B 304 22.81 11.55 -49.04
C ALA B 304 24.22 12.08 -49.33
N GLU B 310 21.67 3.58 -53.49
CA GLU B 310 20.31 3.09 -53.25
C GLU B 310 20.35 1.60 -52.91
N VAL B 311 19.96 1.25 -51.68
CA VAL B 311 19.96 -0.13 -51.23
C VAL B 311 18.54 -0.60 -50.89
N PRO B 312 17.97 -1.49 -51.71
CA PRO B 312 16.61 -2.00 -51.48
C PRO B 312 16.55 -3.13 -50.46
N LEU B 313 15.75 -2.94 -49.42
CA LEU B 313 15.61 -3.95 -48.38
C LEU B 313 14.15 -4.18 -48.02
N ASN B 314 13.92 -5.00 -47.00
CA ASN B 314 12.58 -5.30 -46.55
C ASN B 314 12.45 -5.33 -45.02
N CYS B 315 11.39 -4.74 -44.51
CA CYS B 315 11.13 -4.75 -43.07
C CYS B 315 10.20 -5.93 -42.83
N ALA B 316 10.76 -7.02 -42.31
CA ALA B 316 9.95 -8.22 -42.05
C ALA B 316 9.38 -8.24 -40.65
N SER B 317 8.38 -9.10 -40.44
CA SER B 317 7.73 -9.26 -39.15
C SER B 317 7.00 -10.61 -39.09
N LEU B 318 7.38 -11.44 -38.14
CA LEU B 318 6.71 -12.74 -37.95
C LEU B 318 5.72 -12.52 -36.81
N ARG B 319 4.47 -12.93 -37.01
CA ARG B 319 3.40 -12.81 -36.00
C ARG B 319 2.71 -14.17 -35.80
N SER B 320 2.18 -14.40 -34.61
CA SER B 320 1.47 -15.63 -34.26
C SER B 320 1.14 -15.61 -32.77
N LYS B 321 0.98 -16.77 -32.16
CA LYS B 321 0.67 -16.87 -30.73
C LYS B 321 1.76 -17.55 -29.94
N GLU B 322 1.90 -17.10 -28.70
CA GLU B 322 2.90 -17.62 -27.78
C GLU B 322 3.12 -19.13 -27.91
N PHE B 323 2.04 -19.89 -27.73
CA PHE B 323 2.12 -21.35 -27.78
C PHE B 323 2.72 -21.89 -29.07
N ASN B 324 2.67 -21.10 -30.14
CA ASN B 324 3.20 -21.52 -31.44
C ASN B 324 4.59 -20.95 -31.74
N ILE B 325 5.33 -20.57 -30.70
CA ILE B 325 6.67 -20.02 -30.85
C ILE B 325 7.61 -20.94 -31.63
N LYS B 326 7.33 -22.23 -31.59
CA LYS B 326 8.15 -23.23 -32.28
C LYS B 326 8.12 -22.96 -33.78
N LYS B 327 6.93 -22.99 -34.35
CA LYS B 327 6.76 -22.74 -35.78
C LYS B 327 7.18 -21.34 -36.23
N LEU B 328 7.18 -20.37 -35.33
CA LEU B 328 7.58 -19.02 -35.72
C LEU B 328 9.08 -18.96 -35.99
N TYR B 329 9.84 -19.81 -35.31
CA TYR B 329 11.29 -19.83 -35.51
C TYR B 329 11.68 -20.55 -36.80
N THR B 330 10.98 -21.62 -37.15
CA THR B 330 11.29 -22.34 -38.38
C THR B 330 10.84 -21.45 -39.55
N ALA B 331 9.75 -20.71 -39.37
CA ALA B 331 9.31 -19.81 -40.43
C ALA B 331 10.47 -18.86 -40.63
N TYR B 332 11.04 -18.39 -39.53
CA TYR B 332 12.17 -17.48 -39.58
C TYR B 332 13.27 -18.13 -40.43
N GLN B 333 13.71 -19.29 -39.98
CA GLN B 333 14.76 -20.05 -40.66
C GLN B 333 14.54 -20.14 -42.16
N LYS B 334 13.29 -20.35 -42.57
CA LYS B 334 12.95 -20.47 -43.99
C LYS B 334 13.13 -19.17 -44.74
N VAL B 335 12.88 -18.05 -44.07
CA VAL B 335 13.01 -16.74 -44.69
C VAL B 335 14.47 -16.34 -44.94
N LEU B 336 15.39 -16.95 -44.20
CA LEU B 336 16.80 -16.63 -44.35
C LEU B 336 17.52 -17.45 -45.40
N SER B 337 18.41 -16.80 -46.13
CA SER B 337 19.19 -17.47 -47.16
C SER B 337 20.01 -18.51 -46.43
N LYS B 338 21.02 -19.08 -47.06
CA LYS B 338 21.78 -20.09 -46.36
C LYS B 338 23.21 -19.76 -46.03
N LYS B 339 23.68 -18.57 -46.39
CA LYS B 339 25.04 -18.18 -46.04
C LYS B 339 25.10 -18.43 -44.54
N PHE B 340 24.02 -18.01 -43.90
CA PHE B 340 23.82 -18.09 -42.46
C PHE B 340 23.88 -19.47 -41.82
N ASP B 341 23.37 -20.49 -42.49
CA ASP B 341 23.37 -21.82 -41.89
C ASP B 341 22.69 -21.61 -40.54
N PHE B 342 21.37 -21.42 -40.55
CA PHE B 342 20.63 -21.18 -39.32
C PHE B 342 19.58 -22.23 -39.08
N ILE B 343 19.64 -22.83 -37.90
CA ILE B 343 18.67 -23.83 -37.50
C ILE B 343 18.03 -23.29 -36.22
N ALA B 344 17.02 -22.44 -36.40
CA ALA B 344 16.33 -21.84 -35.25
C ALA B 344 16.11 -22.85 -34.13
N PRO B 345 16.21 -22.40 -32.87
CA PRO B 345 15.98 -23.33 -31.76
C PRO B 345 14.53 -23.77 -31.82
N GLN B 346 14.18 -24.80 -31.06
CA GLN B 346 12.81 -25.30 -31.07
C GLN B 346 12.29 -25.57 -29.66
N PRO B 347 11.96 -24.50 -28.92
CA PRO B 347 11.44 -24.62 -27.55
C PRO B 347 10.41 -25.72 -27.41
N ASN B 348 10.32 -26.30 -26.23
CA ASN B 348 9.36 -27.38 -25.95
C ASN B 348 8.39 -26.93 -24.87
N ASP B 349 8.63 -25.74 -24.33
CA ASP B 349 7.79 -25.18 -23.28
C ASP B 349 6.29 -25.23 -23.54
N TYR B 350 5.86 -24.88 -24.75
CA TYR B 350 4.43 -24.87 -25.10
C TYR B 350 3.96 -26.17 -25.78
N ASP B 351 4.74 -27.24 -25.67
CA ASP B 351 4.39 -28.51 -26.31
C ASP B 351 3.07 -29.14 -25.85
N ASN B 352 2.63 -28.78 -24.65
CA ASN B 352 1.39 -29.35 -24.11
C ASN B 352 0.18 -28.40 -24.13
N SER B 353 0.20 -27.40 -25.00
CA SER B 353 -0.92 -26.47 -25.09
C SER B 353 -2.11 -27.10 -25.82
N ILE B 354 -3.29 -27.00 -25.22
CA ILE B 354 -4.49 -27.54 -25.84
C ILE B 354 -4.73 -26.85 -27.18
N TRP B 355 -4.25 -25.61 -27.29
CA TRP B 355 -4.42 -24.81 -28.50
C TRP B 355 -3.78 -25.42 -29.73
N HIS B 356 -2.92 -26.40 -29.51
CA HIS B 356 -2.28 -27.07 -30.62
C HIS B 356 -3.31 -27.82 -31.45
N HIS B 357 -4.45 -28.14 -30.83
CA HIS B 357 -5.50 -28.88 -31.53
C HIS B 357 -6.92 -28.35 -31.32
N SER B 358 -7.11 -27.46 -30.35
CA SER B 358 -8.45 -26.92 -30.08
C SER B 358 -8.65 -25.47 -30.50
N LEU B 359 -7.65 -24.87 -31.13
CA LEU B 359 -7.76 -23.48 -31.56
C LEU B 359 -8.34 -23.33 -32.96
N PRO B 360 -9.41 -22.55 -33.10
CA PRO B 360 -10.00 -22.36 -34.42
C PRO B 360 -8.96 -21.68 -35.32
N ALA B 361 -8.81 -22.18 -36.54
CA ALA B 361 -7.83 -21.62 -37.47
C ALA B 361 -8.00 -20.12 -37.71
N ASN B 362 -9.20 -19.60 -37.48
CA ASN B 362 -9.44 -18.18 -37.70
C ASN B 362 -8.52 -17.31 -36.85
N PHE B 363 -8.29 -17.73 -35.62
CA PHE B 363 -7.44 -16.97 -34.69
C PHE B 363 -5.97 -16.94 -35.14
N LEU B 364 -5.62 -17.73 -36.15
CA LEU B 364 -4.25 -17.77 -36.65
C LEU B 364 -4.13 -17.01 -37.97
N LYS B 365 -4.83 -15.88 -38.06
CA LYS B 365 -4.81 -15.07 -39.28
C LYS B 365 -5.04 -13.60 -38.93
N ASN B 366 -4.35 -13.12 -37.90
CA ASN B 366 -4.50 -11.74 -37.46
C ASN B 366 -3.70 -10.74 -38.30
N PHE B 367 -4.10 -10.57 -39.55
CA PHE B 367 -3.43 -9.63 -40.45
C PHE B 367 -3.52 -8.20 -39.92
N ASN B 368 -4.69 -7.85 -39.41
CA ASN B 368 -4.92 -6.51 -38.87
C ASN B 368 -4.30 -6.35 -37.49
N MET B 369 -2.98 -6.55 -37.41
CA MET B 369 -2.27 -6.44 -36.14
C MET B 369 -1.13 -5.42 -36.31
N PRO B 370 -1.01 -4.48 -35.36
CA PRO B 370 0.01 -3.43 -35.36
C PRO B 370 1.33 -3.88 -34.74
N CYS B 371 2.42 -3.29 -35.21
CA CYS B 371 3.76 -3.61 -34.69
C CYS B 371 4.57 -2.33 -34.47
#